data_5ZL2
#
_entry.id   5ZL2
#
_cell.length_a   102.255
_cell.length_b   102.255
_cell.length_c   134.472
_cell.angle_alpha   90.00
_cell.angle_beta   90.00
_cell.angle_gamma   120.00
#
_symmetry.space_group_name_H-M   'P 3'
#
loop_
_entity.id
_entity.type
_entity.pdbx_description
1 polymer 'Envelope glycoprotein'
2 water water
#
_entity_poly.entity_id   1
_entity_poly.type   'polypeptide(L)'
_entity_poly.pdbx_seq_one_letter_code
;AELCNKQQQQGPFTFANYQESPLNVSRLQIKVTKTTVQDRGKNFIIGYRAYWRSYCYNGGSLDGNTGCYNSLNPKPPTKD
ELKTWGQEEVCYTGPEVQDAWSGDSSICFVDWKMDNKHRAKELEKRSNNNHFAHHTCNLSWRCGVTNTHLEVRLVASGTQ
PQAVIVMPNGTTRAVSMVAETFWTDGEFSYLYSPKVFGTRAETKFIPCFKEHVKTRLDQGGSDYLIHDLTTEKFHCKDGD
NFFEFPSSGFICLPDACYKNEKQKNNLLHPGMWNISEKLHAASVYDVNNVIHSLVYETESLRLSLAQLDHRFSVLTKLMN
KMVSSLAKIDDRLIGALLEKPMASKFISPTKFMVSPCVAVLEEESNCHKDSIYRDGRWVYNNDPTKCFILNSSQTIDLFN
FKTLWLPQLVAAKVEGVVSDEDGWTFVANSKQALLDTMTYTKNGGRGTSMEDVLNYPSGWLSGKLNG
;
_entity_poly.pdbx_strand_id   A,B,C
#
# COMPACT_ATOMS: atom_id res chain seq x y z
N LEU A 3 -46.00 57.82 -66.04
CA LEU A 3 -46.21 58.89 -65.07
C LEU A 3 -46.60 58.35 -63.70
N CYS A 4 -46.36 59.18 -62.68
CA CYS A 4 -46.66 58.81 -61.31
C CYS A 4 -47.47 59.93 -60.63
N ASN A 5 -47.67 59.84 -59.32
CA ASN A 5 -48.73 60.59 -58.62
C ASN A 5 -48.15 61.36 -57.43
N LYS A 6 -47.13 62.18 -57.69
CA LYS A 6 -46.35 62.90 -56.69
C LYS A 6 -47.18 63.51 -55.56
N GLN A 7 -48.46 63.77 -55.83
CA GLN A 7 -49.35 64.44 -54.90
C GLN A 7 -49.22 63.92 -53.47
N GLN A 8 -49.51 62.63 -53.27
CA GLN A 8 -49.57 62.08 -51.92
C GLN A 8 -48.63 60.88 -51.78
N GLN A 9 -48.13 60.72 -50.57
CA GLN A 9 -46.99 59.87 -50.26
C GLN A 9 -47.40 58.82 -49.21
N GLN A 10 -46.41 58.10 -48.70
CA GLN A 10 -46.64 57.17 -47.60
C GLN A 10 -45.35 56.95 -46.84
N GLY A 11 -45.45 56.92 -45.51
CA GLY A 11 -44.32 56.66 -44.66
C GLY A 11 -44.33 57.51 -43.41
N PRO A 12 -43.18 58.11 -43.07
CA PRO A 12 -41.92 57.95 -43.79
C PRO A 12 -41.26 56.59 -43.54
N PHE A 13 -40.42 56.16 -44.47
CA PHE A 13 -39.76 54.86 -44.41
C PHE A 13 -38.30 55.02 -44.06
N THR A 14 -37.70 53.90 -43.67
CA THR A 14 -36.26 53.80 -43.50
C THR A 14 -35.81 52.46 -44.06
N PHE A 15 -34.51 52.34 -44.32
CA PHE A 15 -33.95 51.09 -44.80
C PHE A 15 -33.62 50.18 -43.61
N ALA A 16 -34.01 48.92 -43.72
CA ALA A 16 -33.71 47.92 -42.71
C ALA A 16 -32.31 47.35 -42.97
N ASN A 17 -31.43 47.52 -42.01
CA ASN A 17 -30.11 46.90 -42.07
C ASN A 17 -30.20 45.45 -41.60
N TYR A 18 -29.30 44.62 -42.12
CA TYR A 18 -29.19 43.24 -41.69
C TYR A 18 -28.12 43.13 -40.61
N GLN A 19 -28.47 42.49 -39.50
CA GLN A 19 -27.57 42.34 -38.36
C GLN A 19 -27.22 40.88 -38.18
N GLU A 20 -25.92 40.58 -38.12
CA GLU A 20 -25.46 39.22 -37.89
C GLU A 20 -25.85 38.77 -36.49
N SER A 21 -26.08 37.47 -36.35
CA SER A 21 -26.40 36.92 -35.04
C SER A 21 -25.12 36.78 -34.21
N PRO A 22 -25.10 37.27 -32.98
CA PRO A 22 -23.88 37.18 -32.17
C PRO A 22 -23.51 35.74 -31.93
N LEU A 23 -22.22 35.51 -31.71
CA LEU A 23 -21.68 34.16 -31.63
C LEU A 23 -20.53 34.14 -30.63
N ASN A 24 -20.55 33.17 -29.72
CA ASN A 24 -19.61 33.14 -28.62
C ASN A 24 -18.38 32.27 -28.87
N VAL A 25 -18.27 31.66 -30.05
CA VAL A 25 -17.08 30.91 -30.38
C VAL A 25 -15.96 31.87 -30.74
N SER A 26 -14.79 31.67 -30.13
CA SER A 26 -13.58 32.41 -30.46
C SER A 26 -12.46 31.40 -30.65
N ARG A 27 -11.28 31.90 -31.01
CA ARG A 27 -10.08 31.09 -31.11
C ARG A 27 -9.12 31.51 -30.00
N LEU A 28 -8.65 30.55 -29.23
CA LEU A 28 -7.74 30.80 -28.12
C LEU A 28 -6.44 30.05 -28.36
N GLN A 29 -5.33 30.65 -27.92
CA GLN A 29 -4.02 29.99 -27.92
C GLN A 29 -3.63 29.78 -26.46
N ILE A 30 -4.10 28.68 -25.90
CA ILE A 30 -4.03 28.45 -24.46
C ILE A 30 -2.65 27.95 -24.10
N LYS A 31 -2.00 28.62 -23.15
CA LYS A 31 -0.64 28.30 -22.72
C LYS A 31 -0.72 27.22 -21.64
N VAL A 32 -0.25 26.01 -21.96
CA VAL A 32 -0.35 24.89 -21.04
C VAL A 32 1.02 24.28 -20.82
N THR A 33 1.14 23.58 -19.70
CA THR A 33 2.24 22.66 -19.46
C THR A 33 1.78 21.26 -19.86
N LYS A 34 2.45 20.67 -20.84
CA LYS A 34 2.05 19.39 -21.41
C LYS A 34 3.08 18.34 -21.01
N THR A 35 2.67 17.39 -20.17
CA THR A 35 3.57 16.37 -19.64
C THR A 35 3.56 15.13 -20.53
N THR A 36 4.75 14.57 -20.76
CA THR A 36 4.93 13.48 -21.70
C THR A 36 5.81 12.40 -21.09
N VAL A 37 5.56 11.15 -21.51
CA VAL A 37 6.32 9.99 -21.03
C VAL A 37 6.85 9.20 -22.22
N GLN A 38 7.10 9.89 -23.33
CA GLN A 38 7.41 9.23 -24.59
C GLN A 38 8.78 8.56 -24.56
N ASP A 39 8.82 7.26 -24.87
CA ASP A 39 10.06 6.52 -25.02
C ASP A 39 9.95 5.69 -26.30
N ARG A 40 10.81 5.99 -27.27
CA ARG A 40 10.77 5.35 -28.57
C ARG A 40 11.79 4.23 -28.66
N GLY A 41 11.44 3.19 -29.43
CA GLY A 41 12.31 2.05 -29.62
C GLY A 41 11.86 0.84 -28.83
N LYS A 42 12.64 -0.23 -28.97
CA LYS A 42 12.34 -1.50 -28.30
C LYS A 42 12.93 -1.44 -26.89
N ASN A 43 12.07 -1.24 -25.90
CA ASN A 43 12.48 -1.02 -24.52
C ASN A 43 11.84 -2.01 -23.56
N PHE A 44 11.14 -3.02 -24.07
CA PHE A 44 10.38 -3.96 -23.24
C PHE A 44 10.76 -5.37 -23.64
N ILE A 45 11.00 -6.22 -22.63
CA ILE A 45 11.36 -7.62 -22.84
C ILE A 45 10.45 -8.48 -21.96
N ILE A 46 9.68 -9.36 -22.59
CA ILE A 46 8.85 -10.33 -21.90
C ILE A 46 9.42 -11.72 -22.14
N GLY A 47 9.59 -12.49 -21.07
CA GLY A 47 10.12 -13.84 -21.19
C GLY A 47 9.50 -14.79 -20.19
N TYR A 48 8.96 -15.90 -20.70
CA TYR A 48 8.35 -16.92 -19.86
C TYR A 48 9.19 -18.20 -19.87
N ARG A 49 9.09 -18.96 -18.79
CA ARG A 49 9.70 -20.28 -18.70
C ARG A 49 9.03 -21.07 -17.58
N ALA A 50 8.63 -22.30 -17.89
CA ALA A 50 8.06 -23.22 -16.92
C ALA A 50 8.54 -24.63 -17.28
N TYR A 51 8.19 -25.60 -16.43
CA TYR A 51 8.52 -26.98 -16.73
C TYR A 51 7.42 -27.92 -16.23
N TRP A 52 7.16 -28.95 -17.02
CA TRP A 52 6.24 -30.01 -16.66
C TRP A 52 7.03 -31.13 -16.00
N ARG A 53 6.54 -31.59 -14.84
CA ARG A 53 7.18 -32.68 -14.13
C ARG A 53 6.16 -33.77 -13.85
N SER A 54 6.57 -35.02 -14.07
CA SER A 54 5.72 -36.19 -13.85
C SER A 54 6.59 -37.25 -13.16
N TYR A 55 6.57 -37.27 -11.84
CA TYR A 55 7.36 -38.20 -11.04
C TYR A 55 6.46 -39.33 -10.58
N CYS A 56 6.61 -40.51 -11.19
CA CYS A 56 5.71 -41.64 -10.98
C CYS A 56 6.45 -42.79 -10.30
N TYR A 57 5.68 -43.62 -9.60
CA TYR A 57 6.21 -44.84 -9.00
C TYR A 57 5.20 -45.98 -9.22
N ASN A 58 5.71 -47.11 -9.70
CA ASN A 58 4.90 -48.30 -9.99
C ASN A 58 5.37 -49.41 -9.06
N GLY A 59 4.74 -49.50 -7.89
CA GLY A 59 5.03 -50.55 -6.95
C GLY A 59 3.85 -51.47 -6.75
N GLY A 60 3.05 -51.66 -7.79
CA GLY A 60 1.90 -52.51 -7.72
C GLY A 60 0.70 -51.83 -7.08
N SER A 61 -0.48 -52.37 -7.36
CA SER A 61 -1.72 -51.78 -6.86
C SER A 61 -1.85 -51.88 -5.35
N LEU A 62 -1.11 -52.78 -4.71
CA LEU A 62 -1.17 -52.86 -3.25
C LEU A 62 -0.43 -51.70 -2.59
N ASP A 63 0.63 -51.20 -3.22
CA ASP A 63 1.44 -50.17 -2.59
C ASP A 63 0.73 -48.82 -2.64
N GLY A 64 0.61 -48.18 -1.47
CA GLY A 64 -0.06 -46.90 -1.40
C GLY A 64 0.64 -45.80 -2.15
N ASN A 65 1.92 -45.97 -2.47
CA ASN A 65 2.70 -44.96 -3.17
C ASN A 65 2.65 -45.13 -4.69
N THR A 66 1.80 -46.01 -5.19
CA THR A 66 1.72 -46.28 -6.63
C THR A 66 0.86 -45.21 -7.31
N GLY A 67 1.45 -44.50 -8.26
CA GLY A 67 0.80 -43.40 -8.90
C GLY A 67 1.83 -42.36 -9.32
N CYS A 68 1.33 -41.25 -9.84
CA CYS A 68 2.18 -40.17 -10.33
C CYS A 68 1.99 -38.93 -9.47
N TYR A 69 3.04 -38.10 -9.44
CA TYR A 69 2.99 -36.75 -8.88
C TYR A 69 3.37 -35.79 -10.00
N ASN A 70 2.38 -35.08 -10.53
CA ASN A 70 2.56 -34.18 -11.65
C ASN A 70 2.33 -32.74 -11.23
N SER A 71 3.03 -31.82 -11.87
CA SER A 71 2.90 -30.41 -11.54
C SER A 71 3.47 -29.55 -12.65
N LEU A 72 2.72 -28.51 -13.04
CA LEU A 72 3.20 -27.48 -13.97
C LEU A 72 3.83 -26.38 -13.12
N ASN A 73 5.17 -26.40 -13.01
CA ASN A 73 5.83 -25.46 -12.12
C ASN A 73 6.38 -24.28 -12.92
N PRO A 74 6.08 -23.05 -12.52
CA PRO A 74 6.62 -21.89 -13.24
C PRO A 74 7.97 -21.44 -12.69
N LYS A 75 8.96 -21.25 -13.57
CA LYS A 75 10.25 -20.70 -13.19
C LYS A 75 10.54 -19.50 -14.09
N PRO A 76 10.05 -18.33 -13.72
CA PRO A 76 10.28 -17.13 -14.53
C PRO A 76 11.71 -16.67 -14.41
N PRO A 77 12.30 -16.17 -15.49
CA PRO A 77 13.71 -15.80 -15.47
C PRO A 77 13.96 -14.60 -14.57
N THR A 78 15.17 -14.55 -14.03
CA THR A 78 15.59 -13.40 -13.23
C THR A 78 15.79 -12.18 -14.14
N LYS A 79 16.03 -11.04 -13.51
CA LYS A 79 16.33 -9.82 -14.25
C LYS A 79 17.52 -10.03 -15.19
N ASP A 80 18.63 -10.51 -14.64
CA ASP A 80 19.83 -10.74 -15.44
C ASP A 80 19.59 -11.81 -16.50
N GLU A 81 18.84 -12.85 -16.14
CA GLU A 81 18.48 -13.87 -17.13
C GLU A 81 17.66 -13.26 -18.26
N LEU A 82 16.67 -12.42 -17.91
CA LEU A 82 15.82 -11.83 -18.93
C LEU A 82 16.62 -10.88 -19.84
N LYS A 83 17.57 -10.14 -19.26
CA LYS A 83 18.38 -9.23 -20.05
C LYS A 83 19.18 -9.98 -21.11
N THR A 84 19.90 -11.02 -20.70
CA THR A 84 20.70 -11.79 -21.66
C THR A 84 19.82 -12.58 -22.60
N TRP A 85 18.64 -13.00 -22.15
CA TRP A 85 17.68 -13.64 -23.05
C TRP A 85 17.33 -12.70 -24.20
N GLY A 86 16.80 -11.52 -23.87
CA GLY A 86 16.44 -10.57 -24.92
C GLY A 86 17.63 -10.17 -25.77
N GLN A 87 18.78 -9.96 -25.14
CA GLN A 87 19.97 -9.57 -25.88
C GLN A 87 20.39 -10.65 -26.88
N GLU A 88 20.12 -11.90 -26.58
CA GLU A 88 20.39 -12.99 -27.51
C GLU A 88 19.14 -13.54 -28.17
N GLU A 89 17.96 -13.09 -27.75
CA GLU A 89 16.68 -13.58 -28.28
C GLU A 89 16.56 -15.09 -28.21
N VAL A 90 17.18 -15.70 -27.19
CA VAL A 90 17.04 -17.13 -26.90
C VAL A 90 16.92 -17.30 -25.40
N CYS A 91 16.14 -18.28 -24.98
CA CYS A 91 15.94 -18.57 -23.57
C CYS A 91 16.67 -19.85 -23.18
N TYR A 92 17.04 -19.92 -21.90
CA TYR A 92 17.75 -21.07 -21.34
C TYR A 92 16.82 -21.83 -20.40
N THR A 93 16.89 -23.18 -20.46
CA THR A 93 16.08 -24.05 -19.64
C THR A 93 16.92 -25.24 -19.19
N GLY A 94 16.30 -26.09 -18.36
CA GLY A 94 16.93 -27.32 -17.91
C GLY A 94 16.87 -28.41 -18.96
N PRO A 95 16.94 -29.66 -18.51
CA PRO A 95 17.02 -30.79 -19.45
C PRO A 95 15.68 -31.40 -19.80
N GLU A 96 15.59 -31.88 -21.03
CA GLU A 96 14.45 -32.67 -21.48
C GLU A 96 14.67 -34.12 -21.04
N VAL A 97 13.87 -34.57 -20.08
CA VAL A 97 14.00 -35.89 -19.50
C VAL A 97 12.84 -36.75 -19.99
N GLN A 98 13.15 -37.93 -20.52
CA GLN A 98 12.13 -38.84 -21.03
C GLN A 98 12.43 -40.24 -20.55
N ASP A 99 11.46 -40.86 -19.87
CA ASP A 99 11.55 -42.23 -19.36
C ASP A 99 12.89 -42.48 -18.67
N ALA A 100 13.20 -41.64 -17.70
CA ALA A 100 14.31 -41.89 -16.80
C ALA A 100 13.75 -42.61 -15.58
N TRP A 101 14.12 -43.87 -15.40
CA TRP A 101 13.62 -44.66 -14.29
C TRP A 101 14.73 -44.87 -13.27
N SER A 102 14.48 -45.77 -12.32
CA SER A 102 15.00 -45.72 -10.95
C SER A 102 16.37 -45.08 -10.81
N GLY A 103 17.35 -45.54 -11.58
CA GLY A 103 18.66 -44.93 -11.54
C GLY A 103 18.60 -43.47 -11.94
N ASP A 104 18.13 -43.21 -13.16
CA ASP A 104 18.02 -41.86 -13.69
C ASP A 104 16.73 -41.17 -13.27
N SER A 105 15.89 -41.80 -12.45
CA SER A 105 14.64 -41.20 -12.04
C SER A 105 14.84 -40.05 -11.06
N SER A 106 16.00 -40.00 -10.39
CA SER A 106 16.25 -38.93 -9.43
C SER A 106 16.46 -37.58 -10.07
N ILE A 107 16.55 -37.51 -11.40
CA ILE A 107 16.80 -36.25 -12.09
C ILE A 107 15.60 -35.32 -12.10
N CYS A 108 14.46 -35.77 -11.59
CA CYS A 108 13.31 -34.88 -11.46
C CYS A 108 13.55 -33.77 -10.45
N PHE A 109 14.55 -33.91 -9.58
CA PHE A 109 14.90 -32.88 -8.60
C PHE A 109 16.43 -32.79 -8.56
N VAL A 110 16.97 -31.80 -9.28
CA VAL A 110 18.42 -31.64 -9.34
C VAL A 110 18.88 -30.19 -9.11
N ASP A 111 18.01 -29.19 -9.25
CA ASP A 111 18.41 -27.79 -9.42
C ASP A 111 19.24 -27.66 -10.70
N TRP A 112 18.53 -27.89 -11.81
CA TRP A 112 19.15 -28.24 -13.08
C TRP A 112 20.16 -27.23 -13.60
N LYS A 113 20.14 -25.98 -13.10
CA LYS A 113 21.08 -24.95 -13.52
C LYS A 113 21.02 -24.76 -15.04
N MET A 114 19.88 -24.22 -15.47
CA MET A 114 19.47 -24.13 -16.87
C MET A 114 20.65 -23.82 -17.79
N ASP A 115 20.90 -24.72 -18.74
CA ASP A 115 21.99 -24.54 -19.69
C ASP A 115 21.61 -24.99 -21.09
N ASN A 116 20.34 -25.30 -21.35
CA ASN A 116 19.88 -25.70 -22.68
C ASN A 116 19.25 -24.49 -23.35
N LYS A 117 19.88 -24.01 -24.41
CA LYS A 117 19.43 -22.82 -25.12
C LYS A 117 18.39 -23.18 -26.17
N HIS A 118 17.37 -22.33 -26.29
CA HIS A 118 16.39 -22.46 -27.36
C HIS A 118 15.95 -21.07 -27.81
N ARG A 119 15.69 -20.94 -29.12
CA ARG A 119 14.98 -19.77 -29.61
C ARG A 119 13.50 -19.85 -29.26
N ALA A 120 12.89 -21.01 -29.47
CA ALA A 120 11.52 -21.28 -29.03
C ALA A 120 11.42 -22.75 -28.66
N LYS A 121 10.77 -23.03 -27.55
CA LYS A 121 10.69 -24.39 -27.01
C LYS A 121 9.38 -24.58 -26.29
N GLU A 122 8.55 -25.50 -26.78
CA GLU A 122 7.28 -25.83 -26.16
C GLU A 122 7.36 -27.22 -25.53
N LEU A 123 6.78 -27.35 -24.34
CA LEU A 123 6.91 -28.59 -23.60
C LEU A 123 5.97 -29.65 -24.15
N GLU A 124 6.17 -30.89 -23.68
CA GLU A 124 5.35 -32.04 -24.05
C GLU A 124 4.84 -32.70 -22.79
N LYS A 125 3.53 -32.96 -22.75
CA LYS A 125 2.90 -33.55 -21.56
C LYS A 125 2.91 -35.07 -21.69
N ARG A 126 4.06 -35.66 -21.38
CA ARG A 126 4.24 -37.10 -21.44
C ARG A 126 4.48 -37.67 -20.05
N SER A 127 3.84 -38.79 -19.75
CA SER A 127 4.01 -39.46 -18.47
C SER A 127 4.18 -40.96 -18.70
N ASN A 128 4.69 -41.64 -17.68
CA ASN A 128 5.08 -43.05 -17.79
C ASN A 128 5.22 -43.65 -16.41
N ASN A 129 4.53 -44.76 -16.16
CA ASN A 129 4.62 -45.47 -14.87
C ASN A 129 4.65 -46.97 -15.10
N ASN A 130 5.43 -47.42 -16.08
CA ASN A 130 5.44 -48.83 -16.49
C ASN A 130 6.71 -49.55 -16.05
N HIS A 131 7.35 -49.10 -14.98
CA HIS A 131 8.54 -49.74 -14.43
C HIS A 131 8.23 -50.19 -13.01
N PHE A 132 8.13 -51.51 -12.81
CA PHE A 132 7.66 -52.01 -11.53
C PHE A 132 8.70 -51.82 -10.44
N ALA A 133 8.21 -51.51 -9.23
CA ALA A 133 9.05 -51.27 -8.05
C ALA A 133 10.09 -50.20 -8.31
N HIS A 134 9.76 -49.25 -9.18
CA HIS A 134 10.72 -48.26 -9.62
C HIS A 134 10.02 -46.94 -9.88
N HIS A 135 10.78 -45.85 -9.79
CA HIS A 135 10.28 -44.53 -10.13
C HIS A 135 10.54 -44.25 -11.60
N THR A 136 9.76 -43.33 -12.16
CA THR A 136 9.94 -42.88 -13.53
C THR A 136 9.75 -41.37 -13.57
N CYS A 137 10.64 -40.68 -14.28
CA CYS A 137 10.65 -39.22 -14.31
C CYS A 137 10.54 -38.74 -15.74
N ASN A 138 9.65 -37.77 -15.96
CA ASN A 138 9.51 -37.08 -17.23
C ASN A 138 9.54 -35.58 -16.95
N LEU A 139 10.25 -34.84 -17.80
CA LEU A 139 10.50 -33.42 -17.52
C LEU A 139 10.57 -32.65 -18.83
N SER A 140 9.55 -31.84 -19.10
CA SER A 140 9.43 -31.07 -20.33
C SER A 140 9.48 -29.59 -20.00
N TRP A 141 10.09 -28.81 -20.89
CA TRP A 141 10.39 -27.41 -20.63
C TRP A 141 9.80 -26.53 -21.72
N ARG A 142 9.39 -25.31 -21.32
CA ARG A 142 8.84 -24.33 -22.24
C ARG A 142 9.48 -22.97 -21.95
N CYS A 143 9.76 -22.21 -23.01
CA CYS A 143 10.40 -20.91 -22.85
C CYS A 143 10.25 -20.09 -24.12
N GLY A 144 10.17 -18.77 -23.94
CA GLY A 144 10.12 -17.84 -25.05
C GLY A 144 10.47 -16.45 -24.58
N VAL A 145 10.89 -15.61 -25.53
CA VAL A 145 11.34 -14.26 -25.25
C VAL A 145 10.90 -13.34 -26.39
N THR A 146 10.65 -12.08 -26.06
CA THR A 146 10.25 -11.09 -27.04
C THR A 146 10.81 -9.73 -26.66
N ASN A 147 11.12 -8.92 -27.67
CA ASN A 147 11.62 -7.56 -27.50
C ASN A 147 10.68 -6.62 -28.26
N THR A 148 9.87 -5.86 -27.53
CA THR A 148 8.88 -4.99 -28.14
C THR A 148 9.06 -3.57 -27.64
N HIS A 149 8.18 -2.69 -28.12
CA HIS A 149 8.13 -1.29 -27.71
C HIS A 149 6.90 -1.09 -26.85
N LEU A 150 7.10 -0.73 -25.59
CA LEU A 150 5.99 -0.53 -24.67
C LEU A 150 5.60 0.94 -24.64
N GLU A 151 4.31 1.21 -24.73
CA GLU A 151 3.77 2.56 -24.62
C GLU A 151 3.22 2.75 -23.21
N VAL A 152 3.80 3.71 -22.49
CA VAL A 152 3.45 4.00 -21.11
C VAL A 152 2.45 5.16 -21.09
N ARG A 153 1.40 5.01 -20.29
CA ARG A 153 0.34 6.00 -20.21
C ARG A 153 0.48 6.83 -18.93
N LEU A 154 -0.46 7.75 -18.71
CA LEU A 154 -0.40 8.66 -17.57
C LEU A 154 -1.72 8.64 -16.81
N VAL A 155 -1.62 8.64 -15.48
CA VAL A 155 -2.77 8.65 -14.58
C VAL A 155 -2.59 9.77 -13.57
N ALA A 156 -3.51 9.89 -12.61
CA ALA A 156 -3.39 10.90 -11.56
C ALA A 156 -3.22 10.30 -10.18
N SER A 157 -4.15 9.47 -9.72
CA SER A 157 -4.23 9.03 -8.32
C SER A 157 -4.23 10.22 -7.35
N GLY A 158 -4.63 11.39 -7.83
CA GLY A 158 -4.52 12.62 -7.10
C GLY A 158 -4.01 13.74 -7.99
N THR A 159 -2.95 14.42 -7.56
CA THR A 159 -2.27 15.40 -8.39
C THR A 159 -1.04 14.73 -9.03
N GLN A 160 -0.19 15.54 -9.67
CA GLN A 160 1.13 15.11 -10.09
C GLN A 160 1.08 13.81 -10.90
N PRO A 161 0.71 13.87 -12.17
CA PRO A 161 0.49 12.65 -12.96
C PRO A 161 1.68 11.70 -12.90
N GLN A 162 1.38 10.40 -12.99
CA GLN A 162 2.35 9.33 -12.78
C GLN A 162 2.42 8.42 -13.99
N ALA A 163 3.64 8.03 -14.36
CA ALA A 163 3.84 7.10 -15.47
C ALA A 163 3.36 5.70 -15.09
N VAL A 164 2.70 5.03 -16.02
CA VAL A 164 1.94 3.82 -15.71
C VAL A 164 1.92 2.89 -16.91
N ILE A 165 2.14 1.60 -16.66
CA ILE A 165 1.90 0.54 -17.63
C ILE A 165 0.54 -0.07 -17.35
N VAL A 166 -0.27 -0.22 -18.39
CA VAL A 166 -1.63 -0.72 -18.27
C VAL A 166 -1.66 -2.19 -18.68
N MET A 167 -2.28 -3.00 -17.85
CA MET A 167 -2.47 -4.40 -18.20
C MET A 167 -3.74 -4.57 -19.00
N PRO A 168 -3.82 -5.63 -19.82
CA PRO A 168 -5.04 -5.87 -20.59
C PRO A 168 -6.29 -6.01 -19.74
N ASN A 169 -6.15 -6.46 -18.49
CA ASN A 169 -7.30 -6.63 -17.60
C ASN A 169 -7.73 -5.32 -16.95
N GLY A 170 -6.99 -4.24 -17.14
CA GLY A 170 -7.29 -2.95 -16.55
C GLY A 170 -6.44 -2.57 -15.36
N THR A 171 -5.62 -3.49 -14.85
CA THR A 171 -4.77 -3.20 -13.70
C THR A 171 -3.58 -2.33 -14.12
N THR A 172 -3.24 -1.38 -13.26
CA THR A 172 -2.14 -0.46 -13.49
C THR A 172 -0.90 -0.89 -12.72
N ARG A 173 0.27 -0.68 -13.32
CA ARG A 173 1.54 -0.90 -12.66
C ARG A 173 2.41 0.34 -12.83
N ALA A 174 2.63 1.07 -11.75
CA ALA A 174 3.44 2.28 -11.82
C ALA A 174 4.87 1.94 -12.26
N VAL A 175 5.43 2.81 -13.09
CA VAL A 175 6.78 2.61 -13.58
C VAL A 175 7.77 3.11 -12.53
N SER A 176 8.79 2.29 -12.27
CA SER A 176 9.87 2.73 -11.38
C SER A 176 10.63 3.88 -12.02
N MET A 177 10.74 4.99 -11.30
CA MET A 177 11.43 6.17 -11.80
C MET A 177 12.87 6.24 -11.30
N VAL A 178 13.47 5.10 -10.96
CA VAL A 178 14.84 5.08 -10.47
C VAL A 178 15.69 4.17 -11.35
N ALA A 179 15.30 2.91 -11.48
CA ALA A 179 16.11 1.97 -12.25
C ALA A 179 15.25 0.80 -12.72
N GLU A 180 14.95 0.77 -14.03
CA GLU A 180 14.61 -0.45 -14.74
C GLU A 180 13.54 -1.27 -14.01
N THR A 181 12.33 -0.72 -14.02
CA THR A 181 11.17 -1.45 -13.52
C THR A 181 11.12 -2.86 -14.07
N PHE A 182 11.08 -3.84 -13.16
CA PHE A 182 11.05 -5.25 -13.49
C PHE A 182 10.09 -5.95 -12.53
N TRP A 183 9.30 -6.88 -13.05
CA TRP A 183 8.39 -7.63 -12.20
C TRP A 183 8.14 -9.01 -12.80
N THR A 184 7.33 -9.79 -12.10
CA THR A 184 7.17 -11.20 -12.38
C THR A 184 5.74 -11.59 -12.05
N ASP A 185 5.14 -12.41 -12.92
CA ASP A 185 3.77 -12.87 -12.72
C ASP A 185 3.70 -14.29 -13.29
N GLY A 186 3.69 -15.28 -12.40
CA GLY A 186 3.54 -16.66 -12.83
C GLY A 186 4.71 -17.12 -13.67
N GLU A 187 4.40 -17.54 -14.91
CA GLU A 187 5.44 -17.99 -15.82
C GLU A 187 6.28 -16.84 -16.34
N PHE A 188 5.71 -15.64 -16.40
CA PHE A 188 6.28 -14.53 -17.13
C PHE A 188 7.03 -13.57 -16.22
N SER A 189 8.07 -12.96 -16.77
CA SER A 189 8.77 -11.83 -16.16
C SER A 189 8.85 -10.71 -17.18
N TYR A 190 8.59 -9.50 -16.73
CA TYR A 190 8.61 -8.32 -17.58
C TYR A 190 9.68 -7.36 -17.10
N LEU A 191 10.45 -6.82 -18.04
CA LEU A 191 11.46 -5.81 -17.77
C LEU A 191 11.30 -4.67 -18.75
N TYR A 192 11.24 -3.44 -18.24
CA TYR A 192 11.11 -2.23 -19.03
C TYR A 192 12.27 -1.31 -18.71
N SER A 193 12.93 -0.79 -19.75
CA SER A 193 14.16 -0.03 -19.58
C SER A 193 14.20 1.12 -20.58
N PRO A 194 13.74 2.30 -20.17
CA PRO A 194 13.74 3.45 -21.06
C PRO A 194 15.09 4.18 -21.00
N LYS A 195 15.29 5.06 -21.99
CA LYS A 195 16.51 5.85 -22.04
C LYS A 195 16.59 6.83 -20.88
N VAL A 196 15.51 7.58 -20.64
CA VAL A 196 15.45 8.49 -19.50
C VAL A 196 14.24 8.13 -18.66
N PHE A 197 14.34 8.42 -17.37
CA PHE A 197 13.31 8.07 -16.41
C PHE A 197 12.40 9.26 -16.14
N GLY A 198 11.41 9.06 -15.28
CA GLY A 198 10.53 10.14 -14.89
C GLY A 198 9.67 10.62 -16.04
N THR A 199 9.30 11.89 -15.99
CA THR A 199 8.43 12.51 -16.96
C THR A 199 9.17 13.61 -17.71
N ARG A 200 8.55 14.04 -18.81
CA ARG A 200 8.99 15.19 -19.58
C ARG A 200 7.78 16.10 -19.78
N ALA A 201 8.03 17.40 -19.82
CA ALA A 201 6.96 18.33 -20.16
C ALA A 201 7.55 19.58 -20.81
N GLU A 202 6.73 20.21 -21.64
CA GLU A 202 7.09 21.44 -22.33
C GLU A 202 6.00 22.47 -22.11
N THR A 203 6.38 23.73 -22.28
CA THR A 203 5.42 24.82 -22.32
C THR A 203 5.07 25.10 -23.77
N LYS A 204 3.78 25.09 -24.08
CA LYS A 204 3.34 25.26 -25.46
C LYS A 204 1.91 25.78 -25.48
N PHE A 205 1.55 26.37 -26.61
CA PHE A 205 0.21 26.92 -26.81
C PHE A 205 -0.59 25.97 -27.69
N ILE A 206 -1.69 25.47 -27.14
CA ILE A 206 -2.59 24.62 -27.91
C ILE A 206 -3.74 25.48 -28.42
N PRO A 207 -4.20 25.29 -29.66
CA PRO A 207 -5.37 26.02 -30.13
C PRO A 207 -6.66 25.43 -29.56
N CYS A 208 -7.65 26.31 -29.38
CA CYS A 208 -8.94 25.90 -28.83
C CYS A 208 -10.04 26.77 -29.40
N PHE A 209 -11.27 26.30 -29.26
CA PHE A 209 -12.48 27.04 -29.64
C PHE A 209 -13.35 27.19 -28.41
N LYS A 210 -13.42 28.41 -27.87
CA LYS A 210 -14.18 28.68 -26.65
C LYS A 210 -15.66 28.76 -26.97
N GLU A 211 -16.45 27.86 -26.41
CA GLU A 211 -17.88 27.83 -26.67
C GLU A 211 -18.70 28.15 -25.41
N GLU A 232 -17.24 28.37 -20.93
CA GLU A 232 -18.07 27.25 -20.49
C GLU A 232 -17.56 25.93 -21.06
N LYS A 233 -17.24 25.92 -22.35
CA LYS A 233 -16.77 24.73 -23.04
C LYS A 233 -15.54 25.09 -23.87
N PHE A 234 -14.49 24.30 -23.74
CA PHE A 234 -13.26 24.49 -24.51
C PHE A 234 -12.99 23.23 -25.32
N HIS A 235 -12.92 23.38 -26.64
CA HIS A 235 -12.65 22.28 -27.55
C HIS A 235 -11.30 22.51 -28.20
N CYS A 236 -10.31 21.68 -27.85
CA CYS A 236 -8.92 21.94 -28.20
C CYS A 236 -8.36 20.84 -29.07
N LYS A 237 -7.20 21.15 -29.67
CA LYS A 237 -6.43 20.21 -30.46
C LYS A 237 -4.95 20.43 -30.14
N ASP A 238 -4.18 19.33 -30.11
CA ASP A 238 -2.73 19.41 -29.95
C ASP A 238 -2.12 18.32 -30.82
N GLY A 239 -1.79 18.69 -32.06
CA GLY A 239 -1.25 17.74 -33.02
C GLY A 239 -2.30 16.80 -33.56
N ASP A 240 -2.21 15.52 -33.20
CA ASP A 240 -3.22 14.53 -33.55
C ASP A 240 -4.15 14.22 -32.40
N ASN A 241 -4.00 14.93 -31.29
CA ASN A 241 -4.85 14.77 -30.11
C ASN A 241 -5.92 15.84 -30.12
N PHE A 242 -7.18 15.44 -29.90
CA PHE A 242 -8.33 16.32 -29.89
C PHE A 242 -9.16 16.03 -28.66
N PHE A 243 -9.42 17.05 -27.86
CA PHE A 243 -10.00 16.81 -26.54
C PHE A 243 -10.73 18.06 -26.08
N GLU A 244 -11.63 17.84 -25.12
CA GLU A 244 -12.37 18.93 -24.49
C GLU A 244 -11.63 19.38 -23.24
N PHE A 245 -11.24 20.66 -23.19
CA PHE A 245 -10.50 21.16 -22.05
C PHE A 245 -11.44 21.44 -20.88
N PRO A 246 -11.16 20.89 -19.69
CA PRO A 246 -12.14 20.95 -18.61
C PRO A 246 -12.27 22.31 -17.97
N SER A 247 -13.04 22.37 -16.88
CA SER A 247 -13.29 23.62 -16.18
C SER A 247 -12.00 24.22 -15.63
N SER A 248 -11.27 23.44 -14.83
CA SER A 248 -10.17 23.97 -14.04
C SER A 248 -8.81 23.86 -14.72
N GLY A 249 -8.79 23.66 -16.04
CA GLY A 249 -7.55 23.70 -16.79
C GLY A 249 -6.51 22.67 -16.39
N PHE A 250 -6.93 21.41 -16.29
CA PHE A 250 -6.01 20.32 -15.98
C PHE A 250 -6.67 19.02 -16.42
N ILE A 251 -6.08 18.34 -17.39
CA ILE A 251 -6.65 17.11 -17.92
C ILE A 251 -5.51 16.19 -18.36
N CYS A 252 -5.71 14.90 -18.16
CA CYS A 252 -4.73 13.88 -18.53
C CYS A 252 -5.33 12.96 -19.57
N LEU A 253 -4.69 12.89 -20.73
CA LEU A 253 -5.00 11.90 -21.76
C LEU A 253 -4.11 10.68 -21.54
N PRO A 254 -4.36 9.59 -22.27
CA PRO A 254 -3.45 8.43 -22.13
C PRO A 254 -1.98 8.79 -22.29
N ASP A 255 -1.64 9.49 -23.37
CA ASP A 255 -0.25 9.76 -23.70
C ASP A 255 0.29 11.04 -23.07
N ALA A 256 -0.58 11.93 -22.60
CA ALA A 256 -0.11 13.25 -22.17
C ALA A 256 -1.09 13.85 -21.17
N CYS A 257 -0.58 14.83 -20.42
CA CYS A 257 -1.37 15.64 -19.50
C CYS A 257 -1.16 17.10 -19.83
N TYR A 258 -2.26 17.86 -19.89
CA TYR A 258 -2.21 19.28 -20.19
C TYR A 258 -2.67 20.05 -18.96
N LYS A 259 -1.78 20.89 -18.42
CA LYS A 259 -2.10 21.73 -17.27
C LYS A 259 -1.90 23.18 -17.65
N ASN A 260 -2.99 23.94 -17.65
CA ASN A 260 -2.93 25.36 -17.94
C ASN A 260 -2.30 26.11 -16.78
N GLU A 261 -1.18 26.79 -17.03
CA GLU A 261 -0.72 27.81 -16.10
C GLU A 261 -1.83 28.84 -15.91
N LYS A 262 -1.72 29.64 -14.84
CA LYS A 262 -2.95 30.18 -14.25
C LYS A 262 -3.76 28.99 -13.74
N GLN A 263 -3.38 28.48 -12.56
CA GLN A 263 -3.47 27.09 -12.10
C GLN A 263 -2.25 26.28 -12.56
N LYS A 264 -1.10 26.94 -12.65
CA LYS A 264 0.18 26.21 -12.61
C LYS A 264 0.57 25.89 -11.18
N ASN A 265 0.46 26.88 -10.28
CA ASN A 265 0.84 26.73 -8.89
C ASN A 265 -0.28 26.16 -8.02
N ASN A 266 -1.38 25.69 -8.61
CA ASN A 266 -2.50 25.13 -7.88
C ASN A 266 -2.49 23.60 -8.00
N LEU A 267 -2.74 22.93 -6.88
CA LEU A 267 -2.70 21.47 -6.79
C LEU A 267 -4.10 20.94 -7.08
N LEU A 268 -4.33 20.45 -8.30
CA LEU A 268 -5.66 20.00 -8.69
C LEU A 268 -5.63 18.56 -9.19
N HIS A 269 -6.74 17.86 -8.94
CA HIS A 269 -6.99 16.59 -9.58
C HIS A 269 -7.34 16.86 -11.04
N PRO A 270 -6.58 16.33 -12.00
CA PRO A 270 -6.87 16.58 -13.42
C PRO A 270 -8.11 15.83 -13.89
N GLY A 271 -8.53 16.16 -15.11
CA GLY A 271 -9.54 15.35 -15.78
C GLY A 271 -8.93 14.04 -16.23
N MET A 272 -9.60 12.94 -15.90
CA MET A 272 -9.06 11.60 -16.10
C MET A 272 -9.77 10.91 -17.26
N TRP A 273 -8.99 10.40 -18.20
CA TRP A 273 -9.54 9.56 -19.26
C TRP A 273 -10.00 8.24 -18.67
N ASN A 274 -10.95 7.60 -19.34
CA ASN A 274 -11.43 6.30 -18.90
C ASN A 274 -10.48 5.21 -19.40
N ILE A 275 -10.18 4.26 -18.51
CA ILE A 275 -9.25 3.21 -18.87
C ILE A 275 -9.90 2.19 -19.79
N SER A 276 -11.23 2.00 -19.69
CA SER A 276 -11.92 1.06 -20.56
C SER A 276 -11.91 1.52 -22.01
N GLU A 277 -11.74 2.83 -22.25
CA GLU A 277 -11.75 3.35 -23.61
C GLU A 277 -10.54 2.87 -24.42
N LYS A 278 -9.47 2.44 -23.77
CA LYS A 278 -8.28 1.93 -24.44
C LYS A 278 -8.20 0.43 -24.43
N LEU A 279 -9.00 -0.25 -23.61
CA LEU A 279 -9.02 -1.71 -23.61
C LEU A 279 -10.11 -2.26 -24.50
N HIS A 280 -11.27 -1.59 -24.53
CA HIS A 280 -12.45 -2.07 -25.23
C HIS A 280 -12.56 -1.44 -26.60
N ALA A 281 -12.71 -2.27 -27.62
CA ALA A 281 -12.78 -1.78 -28.98
C ALA A 281 -14.15 -1.16 -29.26
N ALA A 282 -14.23 -0.46 -30.40
CA ALA A 282 -15.46 0.14 -30.88
C ALA A 282 -16.13 -0.78 -31.90
N SER A 283 -17.45 -0.85 -31.84
CA SER A 283 -18.20 -1.69 -32.77
C SER A 283 -18.33 -1.00 -34.13
N VAL A 284 -18.62 -1.81 -35.14
CA VAL A 284 -18.87 -1.28 -36.48
C VAL A 284 -20.04 -0.29 -36.45
N TYR A 285 -21.04 -0.59 -35.63
CA TYR A 285 -22.19 0.29 -35.50
C TYR A 285 -21.78 1.66 -34.97
N ASP A 286 -20.94 1.69 -33.94
CA ASP A 286 -20.46 2.96 -33.41
C ASP A 286 -19.84 3.81 -34.50
N VAL A 287 -19.08 3.18 -35.40
CA VAL A 287 -18.44 3.93 -36.49
C VAL A 287 -19.48 4.40 -37.50
N ASN A 288 -20.41 3.52 -37.89
CA ASN A 288 -21.49 3.95 -38.79
C ASN A 288 -22.29 5.08 -38.16
N ASN A 289 -22.47 5.04 -36.83
CA ASN A 289 -23.08 6.14 -36.12
C ASN A 289 -22.30 7.44 -36.33
N VAL A 290 -20.97 7.36 -36.32
CA VAL A 290 -20.15 8.54 -36.59
C VAL A 290 -20.32 8.98 -38.04
N ILE A 291 -20.48 8.03 -38.95
CA ILE A 291 -20.68 8.35 -40.36
C ILE A 291 -21.97 9.11 -40.55
N HIS A 292 -23.06 8.64 -39.91
CA HIS A 292 -24.36 9.30 -40.03
C HIS A 292 -24.34 10.67 -39.38
N SER A 293 -23.58 10.84 -38.30
CA SER A 293 -23.43 12.15 -37.69
C SER A 293 -22.68 13.10 -38.60
N LEU A 294 -21.68 12.59 -39.33
CA LEU A 294 -20.97 13.41 -40.30
C LEU A 294 -21.87 13.75 -41.50
N VAL A 295 -22.65 12.78 -41.98
CA VAL A 295 -23.60 13.07 -43.05
C VAL A 295 -24.54 14.19 -42.63
N TYR A 296 -25.00 14.16 -41.37
CA TYR A 296 -25.92 15.19 -40.88
C TYR A 296 -25.27 16.56 -40.90
N GLU A 297 -24.02 16.66 -40.44
CA GLU A 297 -23.33 17.95 -40.48
C GLU A 297 -22.92 18.34 -41.89
N THR A 298 -22.74 17.37 -42.78
CA THR A 298 -22.43 17.71 -44.16
C THR A 298 -23.65 18.28 -44.87
N GLU A 299 -24.84 17.71 -44.61
CA GLU A 299 -26.05 18.34 -45.11
C GLU A 299 -26.28 19.68 -44.43
N SER A 300 -26.09 19.73 -43.11
CA SER A 300 -26.21 20.98 -42.37
C SER A 300 -25.42 22.09 -43.04
N LEU A 301 -24.12 21.86 -43.28
CA LEU A 301 -23.27 22.86 -43.91
C LEU A 301 -23.74 23.18 -45.32
N ARG A 302 -24.28 22.19 -46.05
CA ARG A 302 -24.77 22.45 -47.40
C ARG A 302 -25.94 23.44 -47.39
N LEU A 303 -26.78 23.38 -46.35
CA LEU A 303 -27.84 24.36 -46.23
C LEU A 303 -27.26 25.77 -46.05
N SER A 304 -26.33 25.92 -45.12
CA SER A 304 -25.73 27.23 -44.87
C SER A 304 -25.03 27.77 -46.10
N LEU A 305 -24.31 26.90 -46.82
CA LEU A 305 -23.69 27.34 -48.07
C LEU A 305 -24.74 27.74 -49.10
N ALA A 306 -25.89 27.07 -49.11
CA ALA A 306 -26.93 27.43 -50.05
C ALA A 306 -27.56 28.77 -49.69
N GLN A 307 -27.78 29.02 -48.40
CA GLN A 307 -28.32 30.30 -47.98
C GLN A 307 -27.36 31.44 -48.34
N LEU A 308 -26.06 31.20 -48.23
CA LEU A 308 -25.09 32.22 -48.57
C LEU A 308 -25.02 32.46 -50.07
N ASP A 309 -25.19 31.40 -50.86
CA ASP A 309 -25.20 31.54 -52.32
C ASP A 309 -26.44 32.29 -52.78
N HIS A 310 -27.58 32.07 -52.11
CA HIS A 310 -28.77 32.84 -52.43
C HIS A 310 -28.58 34.32 -52.10
N ARG A 311 -27.88 34.61 -50.99
CA ARG A 311 -27.61 35.99 -50.64
C ARG A 311 -26.80 36.70 -51.72
N PHE A 312 -25.79 36.01 -52.27
CA PHE A 312 -25.01 36.61 -53.33
C PHE A 312 -25.87 36.87 -54.57
N SER A 313 -26.80 35.95 -54.85
CA SER A 313 -27.73 36.18 -55.95
C SER A 313 -28.51 37.48 -55.74
N VAL A 314 -29.05 37.67 -54.53
CA VAL A 314 -29.80 38.88 -54.23
C VAL A 314 -28.93 40.11 -54.42
N LEU A 315 -27.68 40.06 -53.94
CA LEU A 315 -26.81 41.20 -54.08
C LEU A 315 -26.51 41.49 -55.56
N THR A 316 -26.26 40.44 -56.35
CA THR A 316 -25.98 40.65 -57.76
C THR A 316 -27.17 41.28 -58.48
N LYS A 317 -28.38 40.98 -58.04
CA LYS A 317 -29.55 41.58 -58.66
C LYS A 317 -29.73 43.03 -58.22
N LEU A 318 -29.49 43.30 -56.93
CA LEU A 318 -29.56 44.68 -56.44
C LEU A 318 -28.47 45.55 -57.05
N MET A 319 -27.29 44.98 -57.25
CA MET A 319 -26.19 45.75 -57.81
C MET A 319 -26.36 46.00 -59.31
N ASN A 320 -26.95 45.06 -60.03
CA ASN A 320 -27.25 45.30 -61.45
C ASN A 320 -28.27 46.42 -61.61
N LYS A 321 -29.28 46.46 -60.74
CA LYS A 321 -30.25 47.56 -60.78
C LYS A 321 -29.59 48.87 -60.42
N MET A 322 -28.70 48.86 -59.42
CA MET A 322 -28.08 50.10 -58.97
C MET A 322 -27.16 50.68 -60.03
N VAL A 323 -26.27 49.84 -60.59
CA VAL A 323 -25.39 50.32 -61.65
C VAL A 323 -26.20 50.82 -62.82
N SER A 324 -27.29 50.11 -63.16
CA SER A 324 -28.16 50.55 -64.26
C SER A 324 -28.69 51.95 -64.02
N SER A 325 -28.80 52.37 -62.76
CA SER A 325 -29.25 53.71 -62.42
C SER A 325 -28.10 54.71 -62.39
N LEU A 326 -26.97 54.35 -61.80
CA LEU A 326 -25.87 55.31 -61.71
C LEU A 326 -25.21 55.53 -63.05
N ALA A 327 -25.08 54.47 -63.86
CA ALA A 327 -24.45 54.61 -65.18
C ALA A 327 -25.23 55.56 -66.08
N LYS A 328 -26.50 55.80 -65.78
CA LYS A 328 -27.27 56.80 -66.53
C LYS A 328 -26.69 58.19 -66.33
N ILE A 329 -26.10 58.45 -65.17
CA ILE A 329 -25.51 59.75 -64.86
C ILE A 329 -24.01 59.78 -65.15
N ASP A 330 -23.32 58.69 -64.84
CA ASP A 330 -21.87 58.58 -65.02
C ASP A 330 -21.64 57.54 -66.11
N ASP A 331 -21.57 58.01 -67.35
CA ASP A 331 -21.34 57.09 -68.47
C ASP A 331 -19.97 56.44 -68.42
N ARG A 332 -19.08 56.90 -67.53
CA ARG A 332 -17.78 56.28 -67.36
C ARG A 332 -17.78 55.15 -66.34
N LEU A 333 -18.94 54.85 -65.75
CA LEU A 333 -18.99 53.88 -64.68
C LEU A 333 -18.78 52.46 -65.21
N ILE A 334 -19.69 52.01 -66.07
CA ILE A 334 -19.68 50.62 -66.53
C ILE A 334 -18.31 50.27 -67.11
N GLY A 335 -17.67 51.22 -67.77
CA GLY A 335 -16.33 50.99 -68.27
C GLY A 335 -15.33 50.73 -67.16
N ALA A 336 -15.48 51.44 -66.04
CA ALA A 336 -14.61 51.21 -64.89
C ALA A 336 -14.90 49.86 -64.24
N LEU A 337 -16.18 49.49 -64.18
CA LEU A 337 -16.53 48.19 -63.60
C LEU A 337 -16.00 47.05 -64.44
N LEU A 338 -15.91 47.23 -65.75
CA LEU A 338 -15.33 46.23 -66.64
C LEU A 338 -13.86 46.46 -66.91
N GLU A 339 -13.27 47.51 -66.31
CA GLU A 339 -11.87 47.84 -66.50
C GLU A 339 -11.51 48.04 -67.97
N LYS A 340 -12.50 48.43 -68.77
CA LYS A 340 -12.35 48.76 -70.18
C LYS A 340 -12.73 50.21 -70.42
N PRO A 341 -11.98 50.95 -71.23
CA PRO A 341 -12.36 52.33 -71.53
C PRO A 341 -13.57 52.40 -72.46
N MET A 342 -14.71 52.83 -71.94
CA MET A 342 -15.93 52.87 -72.73
C MET A 342 -16.93 53.80 -72.06
N ALA A 343 -17.93 54.22 -72.84
CA ALA A 343 -18.98 55.10 -72.33
C ALA A 343 -20.34 54.50 -72.64
N SER A 344 -21.27 54.67 -71.71
CA SER A 344 -22.55 54.00 -71.74
C SER A 344 -23.66 54.93 -72.26
N LYS A 345 -24.60 54.33 -72.98
CA LYS A 345 -25.70 55.04 -73.62
C LYS A 345 -26.93 54.16 -73.53
N PHE A 346 -27.91 54.57 -72.73
CA PHE A 346 -29.08 53.74 -72.49
C PHE A 346 -30.17 54.05 -73.51
N ILE A 347 -30.65 53.01 -74.20
CA ILE A 347 -31.81 53.10 -75.07
C ILE A 347 -33.07 52.61 -74.36
N SER A 348 -32.99 52.33 -73.07
CA SER A 348 -34.08 51.77 -72.28
C SER A 348 -33.65 51.74 -70.82
N PRO A 349 -34.59 51.86 -69.87
CA PRO A 349 -34.21 51.80 -68.45
C PRO A 349 -33.52 50.52 -68.04
N THR A 350 -33.42 49.53 -68.92
CA THR A 350 -32.73 48.28 -68.65
C THR A 350 -31.71 47.89 -69.71
N LYS A 351 -31.71 48.55 -70.86
CA LYS A 351 -30.82 48.22 -71.96
C LYS A 351 -29.99 49.44 -72.32
N PHE A 352 -28.72 49.21 -72.64
CA PHE A 352 -27.82 50.31 -72.95
C PHE A 352 -26.94 49.93 -74.13
N MET A 353 -26.17 50.91 -74.58
CA MET A 353 -25.24 50.78 -75.69
C MET A 353 -23.87 51.25 -75.23
N VAL A 354 -22.82 50.65 -75.77
CA VAL A 354 -21.46 50.91 -75.35
C VAL A 354 -20.66 51.46 -76.52
N SER A 355 -19.87 52.49 -76.26
CA SER A 355 -19.08 53.22 -77.24
C SER A 355 -17.65 53.31 -76.76
N PRO A 356 -16.67 53.36 -77.65
CA PRO A 356 -15.27 53.28 -77.24
C PRO A 356 -14.81 54.50 -76.47
N CYS A 357 -13.60 54.38 -75.93
CA CYS A 357 -12.90 55.49 -75.28
C CYS A 357 -11.40 55.27 -75.42
N SER A 393 0.17 57.45 -50.95
CA SER A 393 -0.76 58.11 -50.05
C SER A 393 -1.57 57.10 -49.25
N GLN A 394 -2.42 57.60 -48.35
CA GLN A 394 -3.26 56.74 -47.53
C GLN A 394 -4.42 56.19 -48.35
N THR A 395 -5.15 55.26 -47.74
CA THR A 395 -6.34 54.68 -48.36
C THR A 395 -7.50 54.71 -47.36
N ILE A 396 -8.69 54.41 -47.87
CA ILE A 396 -9.91 54.37 -47.09
C ILE A 396 -10.56 53.00 -47.29
N ASP A 397 -10.85 52.32 -46.19
CA ASP A 397 -11.45 50.98 -46.22
C ASP A 397 -12.91 51.10 -45.78
N LEU A 398 -13.81 51.04 -46.76
CA LEU A 398 -15.23 51.05 -46.46
C LEU A 398 -15.72 49.74 -45.87
N PHE A 399 -14.93 48.68 -45.94
CA PHE A 399 -15.37 47.34 -45.55
C PHE A 399 -14.74 46.84 -44.26
N ASN A 400 -13.46 47.15 -44.03
CA ASN A 400 -12.74 46.63 -42.87
C ASN A 400 -12.81 45.10 -42.83
N PHE A 401 -12.73 44.50 -44.01
CA PHE A 401 -12.73 43.04 -44.13
C PHE A 401 -11.33 42.50 -43.92
N LYS A 402 -11.25 41.35 -43.24
CA LYS A 402 -10.00 40.71 -42.90
C LYS A 402 -9.95 39.32 -43.51
N THR A 403 -8.74 38.75 -43.55
CA THR A 403 -8.52 37.44 -44.14
C THR A 403 -9.47 36.41 -43.56
N LEU A 404 -10.14 35.67 -44.44
CA LEU A 404 -11.15 34.72 -44.01
C LEU A 404 -10.51 33.54 -43.30
N TRP A 405 -10.97 33.25 -42.09
CA TRP A 405 -10.51 32.06 -41.40
C TRP A 405 -10.98 30.81 -42.13
N LEU A 406 -10.06 29.86 -42.32
CA LEU A 406 -10.39 28.61 -42.99
C LEU A 406 -10.12 27.44 -42.06
N PRO A 407 -11.05 26.50 -41.92
CA PRO A 407 -10.79 25.31 -41.11
C PRO A 407 -9.63 24.52 -41.68
N GLN A 408 -8.58 24.37 -40.87
CA GLN A 408 -7.39 23.67 -41.31
C GLN A 408 -7.62 22.17 -41.29
N LEU A 409 -6.81 21.45 -42.08
CA LEU A 409 -6.92 20.00 -42.13
C LEU A 409 -6.66 19.39 -40.77
N VAL A 410 -7.23 18.21 -40.55
CA VAL A 410 -7.21 17.55 -39.25
C VAL A 410 -7.32 16.04 -39.46
N ALA A 411 -6.42 15.28 -38.82
CA ALA A 411 -6.48 13.82 -38.82
C ALA A 411 -6.18 13.32 -37.42
N ALA A 412 -7.14 12.60 -36.84
CA ALA A 412 -7.01 12.10 -35.48
C ALA A 412 -5.97 10.98 -35.40
N LYS A 413 -5.52 10.70 -34.19
CA LYS A 413 -4.60 9.59 -33.93
C LYS A 413 -5.41 8.34 -33.61
N VAL A 414 -5.01 7.22 -34.20
CA VAL A 414 -5.67 5.92 -34.00
C VAL A 414 -4.58 4.92 -33.61
N GLU A 415 -4.60 4.48 -32.35
CA GLU A 415 -3.57 3.61 -31.83
C GLU A 415 -4.02 2.17 -31.57
N GLY A 416 -5.33 1.93 -31.48
CA GLY A 416 -5.82 0.59 -31.23
C GLY A 416 -6.04 0.30 -29.75
N VAL A 417 -6.19 -0.99 -29.46
CA VAL A 417 -6.47 -1.45 -28.11
C VAL A 417 -5.20 -1.99 -27.47
N VAL A 418 -5.24 -2.12 -26.14
CA VAL A 418 -4.07 -2.58 -25.40
C VAL A 418 -3.78 -4.05 -25.68
N SER A 419 -4.83 -4.86 -25.79
CA SER A 419 -4.64 -6.29 -26.04
C SER A 419 -3.92 -6.55 -27.35
N ASP A 420 -4.10 -5.68 -28.35
CA ASP A 420 -3.46 -5.89 -29.63
C ASP A 420 -1.99 -5.53 -29.63
N GLU A 421 -1.47 -4.96 -28.53
CA GLU A 421 -0.05 -4.66 -28.47
C GLU A 421 0.76 -5.95 -28.57
N ASP A 422 1.92 -5.84 -29.22
CA ASP A 422 2.74 -7.03 -29.46
C ASP A 422 3.12 -7.71 -28.15
N GLY A 423 3.44 -6.94 -27.12
CA GLY A 423 3.85 -7.54 -25.86
C GLY A 423 2.76 -8.39 -25.25
N TRP A 424 1.54 -7.85 -25.19
CA TRP A 424 0.42 -8.60 -24.64
C TRP A 424 -0.10 -9.64 -25.62
N THR A 425 0.05 -9.40 -26.92
CA THR A 425 -0.24 -10.44 -27.91
C THR A 425 0.66 -11.66 -27.70
N PHE A 426 1.94 -11.41 -27.45
CA PHE A 426 2.89 -12.50 -27.21
C PHE A 426 2.49 -13.31 -25.98
N VAL A 427 2.16 -12.63 -24.88
CA VAL A 427 1.75 -13.34 -23.67
C VAL A 427 0.50 -14.17 -23.95
N ALA A 428 -0.48 -13.58 -24.66
CA ALA A 428 -1.72 -14.29 -24.90
C ALA A 428 -1.51 -15.52 -25.77
N ASN A 429 -0.60 -15.44 -26.74
CA ASN A 429 -0.34 -16.59 -27.60
C ASN A 429 0.43 -17.67 -26.85
N SER A 430 1.36 -17.26 -25.99
CA SER A 430 2.11 -18.21 -25.17
C SER A 430 1.18 -18.99 -24.25
N LYS A 431 0.25 -18.30 -23.59
CA LYS A 431 -0.72 -18.97 -22.74
C LYS A 431 -1.67 -19.83 -23.57
N GLN A 432 -1.94 -19.43 -24.82
CA GLN A 432 -2.76 -20.24 -25.69
C GLN A 432 -2.01 -21.49 -26.15
N ALA A 433 -0.70 -21.38 -26.34
CA ALA A 433 0.09 -22.55 -26.72
C ALA A 433 0.14 -23.56 -25.57
N LEU A 434 0.18 -23.07 -24.33
CA LEU A 434 0.17 -23.97 -23.18
C LEU A 434 -1.14 -24.74 -23.09
N LEU A 435 -2.27 -24.06 -23.32
CA LEU A 435 -3.56 -24.75 -23.30
C LEU A 435 -3.67 -25.76 -24.42
N ASP A 436 -2.95 -25.54 -25.53
CA ASP A 436 -3.03 -26.47 -26.65
C ASP A 436 -2.21 -27.74 -26.41
N THR A 437 -1.10 -27.63 -25.68
CA THR A 437 -0.25 -28.79 -25.46
C THR A 437 -0.62 -29.58 -24.22
N MET A 438 -1.34 -28.98 -23.27
CA MET A 438 -1.81 -29.68 -22.08
C MET A 438 -3.16 -30.34 -22.29
N THR A 439 -3.49 -30.70 -23.53
CA THR A 439 -4.80 -31.26 -23.84
C THR A 439 -4.90 -32.73 -23.45
N TYR A 440 -3.84 -33.50 -23.69
CA TYR A 440 -3.83 -34.90 -23.30
C TYR A 440 -2.39 -35.34 -23.07
N THR A 441 -2.25 -36.44 -22.33
CA THR A 441 -0.97 -36.99 -21.95
C THR A 441 -0.46 -37.95 -23.02
N LYS A 442 0.82 -37.83 -23.35
CA LYS A 442 1.51 -38.77 -24.22
C LYS A 442 2.21 -39.82 -23.36
N ASN A 443 2.42 -40.99 -23.92
CA ASN A 443 3.08 -42.09 -23.22
C ASN A 443 4.55 -42.08 -23.59
N GLY A 444 5.41 -41.74 -22.63
CA GLY A 444 6.84 -41.72 -22.86
C GLY A 444 7.46 -43.09 -22.70
N GLY A 445 6.70 -44.14 -23.00
CA GLY A 445 7.21 -45.50 -22.96
C GLY A 445 8.19 -45.79 -24.09
N LEU B 3 42.11 36.92 8.77
CA LEU B 3 42.17 37.07 7.33
C LEU B 3 43.15 36.06 6.73
N CYS B 4 42.79 35.51 5.57
CA CYS B 4 43.60 34.50 4.90
C CYS B 4 44.18 35.07 3.62
N ASN B 5 44.86 34.21 2.86
CA ASN B 5 45.78 34.64 1.82
C ASN B 5 45.34 34.13 0.44
N LYS B 6 44.07 34.37 0.11
CA LYS B 6 43.40 33.82 -1.07
C LYS B 6 44.24 33.83 -2.35
N GLN B 7 45.22 34.74 -2.44
CA GLN B 7 46.01 34.88 -3.66
C GLN B 7 46.55 33.54 -4.16
N GLN B 8 47.10 32.74 -3.26
CA GLN B 8 47.79 31.50 -3.64
C GLN B 8 47.11 30.28 -3.06
N GLN B 9 47.11 29.21 -3.85
CA GLN B 9 46.45 27.95 -3.51
C GLN B 9 47.46 26.82 -3.66
N GLN B 10 47.03 25.60 -3.32
CA GLN B 10 47.91 24.44 -3.38
C GLN B 10 47.06 23.19 -3.57
N GLY B 11 47.34 22.45 -4.64
CA GLY B 11 46.57 21.27 -4.96
C GLY B 11 46.72 20.88 -6.42
N PRO B 12 45.61 20.54 -7.08
CA PRO B 12 44.27 20.41 -6.49
C PRO B 12 44.07 19.11 -5.71
N PHE B 13 43.20 19.14 -4.71
CA PHE B 13 42.98 18.00 -3.85
C PHE B 13 41.70 17.27 -4.22
N THR B 14 41.58 16.05 -3.72
CA THR B 14 40.37 15.25 -3.84
C THR B 14 40.10 14.70 -2.44
N PHE B 15 38.86 14.28 -2.20
CA PHE B 15 38.55 13.74 -0.88
C PHE B 15 38.81 12.24 -0.84
N ALA B 16 39.57 11.81 0.17
CA ALA B 16 39.94 10.41 0.31
C ALA B 16 38.79 9.63 0.91
N ASN B 17 38.15 8.79 0.11
CA ASN B 17 37.16 7.87 0.64
C ASN B 17 37.83 6.67 1.27
N TYR B 18 37.19 6.14 2.32
CA TYR B 18 37.67 4.94 2.98
C TYR B 18 36.99 3.71 2.37
N GLN B 19 37.78 2.67 2.13
CA GLN B 19 37.27 1.43 1.56
C GLN B 19 37.38 0.31 2.58
N GLU B 20 36.31 -0.50 2.65
CA GLU B 20 36.31 -1.67 3.51
C GLU B 20 37.09 -2.80 2.84
N SER B 21 37.63 -3.69 3.67
CA SER B 21 38.46 -4.78 3.16
C SER B 21 37.57 -5.95 2.72
N PRO B 22 37.66 -6.39 1.47
CA PRO B 22 36.81 -7.49 1.01
C PRO B 22 37.15 -8.78 1.74
N LEU B 23 36.14 -9.62 1.92
CA LEU B 23 36.31 -10.90 2.60
C LEU B 23 35.37 -11.91 1.98
N ASN B 24 35.82 -13.17 1.90
CA ASN B 24 35.08 -14.22 1.21
C ASN B 24 34.20 -15.02 2.15
N VAL B 25 34.07 -14.61 3.41
CA VAL B 25 33.12 -15.23 4.32
C VAL B 25 31.71 -14.96 3.82
N SER B 26 30.99 -16.01 3.46
CA SER B 26 29.61 -15.91 3.03
C SER B 26 28.73 -16.76 3.94
N ARG B 27 27.42 -16.64 3.74
CA ARG B 27 26.45 -17.44 4.48
C ARG B 27 25.62 -18.24 3.49
N LEU B 28 25.54 -19.55 3.72
CA LEU B 28 24.79 -20.45 2.85
C LEU B 28 24.13 -21.51 3.71
N GLN B 29 22.87 -21.82 3.38
CA GLN B 29 22.14 -22.91 4.02
C GLN B 29 22.13 -24.07 3.01
N ILE B 30 23.13 -24.94 3.12
CA ILE B 30 23.35 -25.99 2.13
C ILE B 30 22.28 -27.06 2.28
N LYS B 31 21.73 -27.50 1.14
CA LYS B 31 20.68 -28.51 1.11
C LYS B 31 21.32 -29.89 1.16
N VAL B 32 21.18 -30.57 2.30
CA VAL B 32 21.81 -31.86 2.53
C VAL B 32 20.75 -32.89 2.85
N THR B 33 21.12 -34.15 2.67
CA THR B 33 20.37 -35.28 3.21
C THR B 33 21.07 -35.74 4.48
N LYS B 34 20.32 -35.77 5.59
CA LYS B 34 20.86 -36.13 6.88
C LYS B 34 20.46 -37.55 7.25
N THR B 35 21.44 -38.38 7.59
CA THR B 35 21.27 -39.79 7.84
C THR B 35 21.48 -40.06 9.33
N THR B 36 20.46 -40.59 10.01
CA THR B 36 20.47 -40.70 11.46
C THR B 36 19.92 -42.04 11.93
N VAL B 37 20.50 -42.57 13.02
CA VAL B 37 20.18 -43.89 13.55
C VAL B 37 19.64 -43.80 14.98
N GLN B 38 18.99 -42.69 15.32
CA GLN B 38 18.62 -42.46 16.72
C GLN B 38 17.48 -43.40 17.14
N ASP B 39 17.67 -44.08 18.26
CA ASP B 39 16.69 -45.00 18.83
C ASP B 39 16.57 -44.71 20.32
N ARG B 40 15.41 -44.21 20.75
CA ARG B 40 15.23 -43.69 22.10
C ARG B 40 14.67 -44.77 23.02
N GLY B 41 15.03 -44.67 24.30
CA GLY B 41 14.61 -45.61 25.32
C GLY B 41 15.66 -46.66 25.59
N LYS B 42 15.40 -47.45 26.63
CA LYS B 42 16.25 -48.59 26.97
C LYS B 42 16.03 -49.70 25.96
N ASN B 43 17.04 -49.93 25.10
CA ASN B 43 16.94 -50.92 24.04
C ASN B 43 18.04 -51.97 24.10
N PHE B 44 18.86 -51.95 25.15
CA PHE B 44 20.05 -52.79 25.23
C PHE B 44 20.03 -53.61 26.50
N ILE B 45 20.14 -54.92 26.36
CA ILE B 45 20.12 -55.85 27.49
C ILE B 45 21.45 -56.60 27.50
N ILE B 46 22.14 -56.56 28.63
CA ILE B 46 23.41 -57.25 28.83
C ILE B 46 23.28 -58.18 30.02
N GLY B 47 23.64 -59.44 29.83
CA GLY B 47 23.54 -60.42 30.89
C GLY B 47 24.67 -61.43 30.88
N TYR B 48 25.35 -61.57 32.01
CA TYR B 48 26.47 -62.49 32.15
C TYR B 48 26.09 -63.64 33.07
N ARG B 49 26.84 -64.74 32.92
CA ARG B 49 26.62 -65.93 33.76
C ARG B 49 27.79 -66.89 33.64
N ALA B 50 28.28 -67.38 34.77
CA ALA B 50 29.38 -68.34 34.79
C ALA B 50 29.31 -69.12 36.10
N TYR B 51 30.05 -70.23 36.14
CA TYR B 51 30.09 -71.07 37.33
C TYR B 51 31.52 -71.54 37.60
N TRP B 52 31.88 -71.55 38.87
CA TRP B 52 33.19 -72.01 39.32
C TRP B 52 33.05 -73.44 39.83
N ARG B 53 33.82 -74.34 39.24
CA ARG B 53 33.74 -75.76 39.56
C ARG B 53 35.06 -76.25 40.13
N SER B 54 34.98 -77.02 41.22
CA SER B 54 36.15 -77.61 41.87
C SER B 54 35.85 -79.08 42.15
N TYR B 55 36.19 -79.93 41.21
CA TYR B 55 35.97 -81.37 41.32
C TYR B 55 37.28 -82.03 41.73
N CYS B 56 37.36 -82.46 42.98
CA CYS B 56 38.58 -83.03 43.53
C CYS B 56 38.35 -84.49 43.93
N TYR B 57 39.44 -85.26 43.94
CA TYR B 57 39.43 -86.64 44.43
C TYR B 57 40.56 -86.80 45.42
N ASN B 58 40.27 -87.37 46.59
CA ASN B 58 41.28 -87.66 47.60
C ASN B 58 41.44 -89.16 47.71
N GLY B 59 42.57 -89.68 47.23
CA GLY B 59 42.86 -91.09 47.34
C GLY B 59 44.28 -91.39 47.78
N GLY B 60 44.86 -90.50 48.56
CA GLY B 60 46.21 -90.69 49.05
C GLY B 60 47.27 -90.17 48.10
N SER B 61 48.43 -89.87 48.67
CA SER B 61 49.53 -89.27 47.90
C SER B 61 50.07 -90.19 46.84
N LEU B 62 49.87 -91.51 46.97
CA LEU B 62 50.40 -92.43 45.97
C LEU B 62 49.49 -92.54 44.76
N ASP B 63 48.20 -92.26 44.91
CA ASP B 63 47.29 -92.35 43.77
C ASP B 63 47.57 -91.23 42.78
N GLY B 64 47.55 -91.58 41.49
CA GLY B 64 47.79 -90.60 40.45
C GLY B 64 46.62 -89.68 40.18
N ASN B 65 45.43 -90.03 40.66
CA ASN B 65 44.23 -89.23 40.47
C ASN B 65 43.97 -88.27 41.63
N THR B 66 44.82 -88.26 42.66
CA THR B 66 44.65 -87.33 43.76
C THR B 66 45.02 -85.93 43.30
N GLY B 67 44.17 -84.96 43.61
CA GLY B 67 44.32 -83.59 43.13
C GLY B 67 43.01 -82.99 42.68
N CYS B 68 42.99 -81.69 42.39
CA CYS B 68 41.77 -80.98 42.09
C CYS B 68 41.72 -80.60 40.62
N TYR B 69 40.51 -80.64 40.04
CA TYR B 69 40.25 -80.21 38.68
C TYR B 69 39.31 -79.01 38.76
N ASN B 70 39.86 -77.81 38.71
CA ASN B 70 39.08 -76.59 38.84
C ASN B 70 38.94 -75.88 37.50
N SER B 71 37.83 -75.16 37.33
CA SER B 71 37.56 -74.45 36.09
C SER B 71 36.54 -73.35 36.34
N LEU B 72 36.72 -72.24 35.64
CA LEU B 72 35.71 -71.18 35.54
C LEU B 72 35.12 -71.27 34.14
N ASN B 73 33.84 -71.65 34.06
CA ASN B 73 33.22 -71.93 32.78
C ASN B 73 32.17 -70.87 32.46
N PRO B 74 32.28 -70.18 31.33
CA PRO B 74 31.27 -69.18 30.97
C PRO B 74 30.06 -69.84 30.31
N LYS B 75 28.89 -69.54 30.84
CA LYS B 75 27.62 -70.02 30.27
C LYS B 75 26.73 -68.81 30.02
N PRO B 76 27.02 -68.05 28.95
CA PRO B 76 26.17 -66.89 28.66
C PRO B 76 24.76 -67.33 28.34
N PRO B 77 23.78 -66.49 28.69
CA PRO B 77 22.38 -66.89 28.47
C PRO B 77 22.01 -66.83 26.99
N THR B 78 20.98 -67.59 26.64
CA THR B 78 20.44 -67.61 25.29
C THR B 78 19.84 -66.25 24.95
N LYS B 79 19.37 -66.09 23.72
CA LYS B 79 18.60 -64.90 23.39
C LYS B 79 17.32 -64.85 24.21
N ASP B 80 16.58 -65.97 24.26
CA ASP B 80 15.35 -66.02 25.04
C ASP B 80 15.64 -65.87 26.53
N GLU B 81 16.70 -66.53 27.01
CA GLU B 81 17.08 -66.36 28.41
C GLU B 81 17.40 -64.91 28.72
N LEU B 82 18.11 -64.24 27.81
CA LEU B 82 18.45 -62.84 28.03
C LEU B 82 17.22 -61.95 27.95
N LYS B 83 16.22 -62.33 27.14
CA LYS B 83 14.99 -61.58 27.09
C LYS B 83 14.23 -61.68 28.40
N THR B 84 13.96 -62.91 28.86
CA THR B 84 13.21 -63.09 30.09
C THR B 84 13.98 -62.58 31.31
N TRP B 85 15.31 -62.54 31.23
CA TRP B 85 16.07 -61.89 32.29
C TRP B 85 15.82 -60.38 32.28
N GLY B 86 16.01 -59.75 31.12
CA GLY B 86 15.76 -58.32 31.01
C GLY B 86 14.34 -57.94 31.35
N GLN B 87 13.39 -58.83 31.07
CA GLN B 87 11.99 -58.54 31.35
C GLN B 87 11.68 -58.66 32.85
N GLU B 88 12.21 -59.68 33.51
CA GLU B 88 11.92 -59.92 34.91
C GLU B 88 12.89 -59.24 35.87
N GLU B 89 14.01 -58.71 35.37
CA GLU B 89 15.06 -58.11 36.19
C GLU B 89 15.77 -59.15 37.05
N VAL B 90 15.78 -60.42 36.62
CA VAL B 90 16.40 -61.49 37.38
C VAL B 90 17.13 -62.44 36.42
N CYS B 91 18.20 -63.05 36.92
CA CYS B 91 18.97 -64.01 36.15
C CYS B 91 18.94 -65.37 36.85
N TYR B 92 18.89 -66.44 36.06
CA TYR B 92 18.74 -67.79 36.56
C TYR B 92 20.03 -68.58 36.37
N THR B 93 20.48 -69.26 37.42
CA THR B 93 21.67 -70.09 37.39
C THR B 93 21.38 -71.46 38.01
N GLY B 94 22.37 -72.33 37.99
CA GLY B 94 22.23 -73.66 38.56
C GLY B 94 22.19 -73.63 40.07
N PRO B 95 22.56 -74.75 40.69
CA PRO B 95 22.57 -74.82 42.15
C PRO B 95 23.91 -74.47 42.77
N GLU B 96 23.84 -73.92 43.97
CA GLU B 96 25.02 -73.65 44.79
C GLU B 96 25.30 -74.90 45.61
N VAL B 97 26.39 -75.61 45.28
CA VAL B 97 26.74 -76.87 45.91
C VAL B 97 28.06 -76.72 46.65
N GLN B 98 28.10 -77.15 47.92
CA GLN B 98 29.23 -76.93 48.81
C GLN B 98 29.55 -78.23 49.54
N ASP B 99 30.78 -78.73 49.39
CA ASP B 99 31.19 -80.02 49.94
C ASP B 99 30.10 -81.07 49.62
N ALA B 100 30.02 -81.44 48.34
CA ALA B 100 29.31 -82.65 47.94
C ALA B 100 30.36 -83.70 47.68
N TRP B 101 30.34 -84.77 48.46
CA TRP B 101 31.32 -85.83 48.31
C TRP B 101 30.62 -87.10 47.85
N SER B 102 31.35 -88.21 47.87
CA SER B 102 31.24 -89.30 46.90
C SER B 102 29.86 -89.49 46.30
N GLY B 103 28.84 -89.63 47.15
CA GLY B 103 27.49 -89.74 46.64
C GLY B 103 27.09 -88.50 45.86
N ASP B 104 27.07 -87.36 46.55
CA ASP B 104 26.64 -86.11 45.94
C ASP B 104 27.71 -85.43 45.11
N SER B 105 28.93 -85.97 45.07
CA SER B 105 29.97 -85.36 44.24
C SER B 105 29.65 -85.49 42.75
N SER B 106 28.80 -86.44 42.36
CA SER B 106 28.40 -86.57 40.97
C SER B 106 27.60 -85.37 40.48
N ILE B 107 27.19 -84.46 41.39
CA ILE B 107 26.46 -83.27 41.01
C ILE B 107 27.32 -82.25 40.29
N CYS B 108 28.65 -82.45 40.26
CA CYS B 108 29.54 -81.62 39.46
C CYS B 108 29.27 -81.74 37.96
N PHE B 109 28.51 -82.73 37.52
CA PHE B 109 28.18 -82.91 36.10
C PHE B 109 26.73 -83.37 36.01
N VAL B 110 25.82 -82.41 35.86
CA VAL B 110 24.39 -82.73 35.71
C VAL B 110 23.74 -82.04 34.52
N ASP B 111 24.32 -80.98 33.95
CA ASP B 111 23.58 -80.05 33.09
C ASP B 111 22.34 -79.54 33.84
N TRP B 112 22.66 -78.76 34.89
CA TRP B 112 21.71 -78.43 35.95
C TRP B 112 20.41 -77.81 35.47
N LYS B 113 20.37 -77.28 34.24
CA LYS B 113 19.15 -76.68 33.68
C LYS B 113 18.62 -75.58 34.60
N MET B 114 19.41 -74.49 34.65
CA MET B 114 19.30 -73.41 35.63
C MET B 114 17.87 -73.13 36.07
N ASP B 115 17.66 -73.17 37.38
CA ASP B 115 16.34 -72.92 37.96
C ASP B 115 16.41 -72.08 39.23
N ASN B 116 17.57 -71.51 39.57
CA ASN B 116 17.72 -70.69 40.75
C ASN B 116 17.71 -69.22 40.35
N LYS B 117 16.72 -68.48 40.83
CA LYS B 117 16.53 -67.09 40.47
C LYS B 117 17.31 -66.18 41.41
N HIS B 118 17.94 -65.15 40.85
CA HIS B 118 18.64 -64.14 41.62
C HIS B 118 18.47 -62.77 40.96
N ARG B 119 18.49 -61.73 41.79
CA ARG B 119 18.62 -60.37 41.27
C ARG B 119 20.07 -60.06 40.96
N ALA B 120 20.97 -60.40 41.87
CA ALA B 120 22.41 -60.30 41.66
C ALA B 120 23.09 -61.43 42.42
N LYS B 121 24.07 -62.05 41.79
CA LYS B 121 24.74 -63.19 42.39
C LYS B 121 26.22 -63.19 42.02
N GLU B 122 27.08 -63.34 43.02
CA GLU B 122 28.50 -63.53 42.81
C GLU B 122 28.91 -64.89 43.35
N LEU B 123 29.78 -65.58 42.61
CA LEU B 123 30.20 -66.91 43.03
C LEU B 123 31.15 -66.82 44.22
N GLU B 124 31.47 -67.98 44.80
CA GLU B 124 32.48 -68.11 45.83
C GLU B 124 33.52 -69.11 45.35
N LYS B 125 34.79 -68.68 45.29
CA LYS B 125 35.87 -69.56 44.87
C LYS B 125 36.28 -70.42 46.05
N ARG B 126 35.60 -71.56 46.21
CA ARG B 126 35.85 -72.48 47.31
C ARG B 126 36.18 -73.86 46.78
N SER B 127 37.13 -74.51 47.43
CA SER B 127 37.53 -75.88 47.10
C SER B 127 37.52 -76.72 48.38
N ASN B 128 37.54 -78.04 48.17
CA ASN B 128 37.55 -78.98 49.28
C ASN B 128 37.91 -80.38 48.79
N ASN B 129 38.88 -81.01 49.45
CA ASN B 129 39.28 -82.37 49.12
C ASN B 129 39.58 -83.17 50.38
N ASN B 130 38.77 -82.98 51.42
CA ASN B 130 39.05 -83.55 52.73
C ASN B 130 38.44 -84.94 52.93
N HIS B 131 38.01 -85.59 51.85
CA HIS B 131 37.27 -86.84 51.93
C HIS B 131 38.07 -87.94 51.25
N PHE B 132 38.79 -88.72 52.05
CA PHE B 132 39.68 -89.74 51.51
C PHE B 132 38.89 -90.84 50.81
N ALA B 133 39.51 -91.42 49.78
CA ALA B 133 38.90 -92.49 48.99
C ALA B 133 37.61 -92.03 48.32
N HIS B 134 37.47 -90.74 48.10
CA HIS B 134 36.22 -90.18 47.61
C HIS B 134 36.50 -88.92 46.81
N HIS B 135 35.50 -88.52 46.03
CA HIS B 135 35.51 -87.25 45.31
C HIS B 135 34.86 -86.17 46.17
N THR B 136 35.07 -84.91 45.76
CA THR B 136 34.37 -83.78 46.36
C THR B 136 34.02 -82.76 45.28
N CYS B 137 32.85 -82.17 45.40
CA CYS B 137 32.34 -81.20 44.44
C CYS B 137 32.08 -79.87 45.14
N ASN B 138 32.41 -78.78 44.46
CA ASN B 138 32.02 -77.44 44.90
C ASN B 138 31.65 -76.63 43.67
N LEU B 139 30.41 -76.14 43.63
CA LEU B 139 29.88 -75.43 42.49
C LEU B 139 29.27 -74.12 42.95
N SER B 140 29.78 -73.01 42.43
CA SER B 140 29.29 -71.67 42.75
C SER B 140 29.00 -70.94 41.46
N TRP B 141 27.92 -70.16 41.45
CA TRP B 141 27.43 -69.50 40.25
C TRP B 141 27.46 -67.99 40.40
N ARG B 142 27.51 -67.30 39.26
CA ARG B 142 27.42 -65.84 39.23
C ARG B 142 26.54 -65.44 38.04
N CYS B 143 25.77 -64.36 38.22
CA CYS B 143 24.94 -63.86 37.15
C CYS B 143 24.60 -62.40 37.42
N GLY B 144 24.30 -61.68 36.34
CA GLY B 144 23.82 -60.31 36.41
C GLY B 144 23.08 -59.98 35.14
N VAL B 145 22.38 -58.85 35.18
CA VAL B 145 21.58 -58.41 34.04
C VAL B 145 21.33 -56.90 34.18
N THR B 146 21.23 -56.22 33.05
CA THR B 146 20.93 -54.80 33.02
C THR B 146 20.16 -54.47 31.75
N ASN B 147 19.35 -53.42 31.84
CA ASN B 147 18.67 -52.84 30.69
C ASN B 147 19.10 -51.39 30.59
N THR B 148 19.74 -51.04 29.48
CA THR B 148 20.28 -49.71 29.28
C THR B 148 19.91 -49.22 27.88
N HIS B 149 20.23 -47.96 27.63
CA HIS B 149 20.02 -47.32 26.34
C HIS B 149 21.35 -47.32 25.59
N LEU B 150 21.36 -47.90 24.40
CA LEU B 150 22.54 -47.90 23.54
C LEU B 150 22.29 -46.95 22.38
N GLU B 151 23.25 -46.07 22.13
CA GLU B 151 23.20 -45.16 21.00
C GLU B 151 24.16 -45.66 19.93
N VAL B 152 23.60 -46.03 18.78
CA VAL B 152 24.36 -46.65 17.71
C VAL B 152 24.97 -45.56 16.83
N ARG B 153 26.21 -45.78 16.41
CA ARG B 153 26.94 -44.80 15.61
C ARG B 153 26.84 -45.17 14.13
N LEU B 154 27.52 -44.38 13.30
CA LEU B 154 27.47 -44.53 11.85
C LEU B 154 28.88 -44.60 11.29
N VAL B 155 29.15 -45.62 10.48
CA VAL B 155 30.42 -45.76 9.79
C VAL B 155 30.16 -45.74 8.29
N ALA B 156 31.22 -45.85 7.49
CA ALA B 156 31.09 -45.87 6.04
C ALA B 156 31.52 -47.21 5.45
N SER B 157 32.75 -47.66 5.73
CA SER B 157 33.36 -48.83 5.10
C SER B 157 33.35 -48.72 3.58
N GLY B 158 33.34 -47.49 3.07
CA GLY B 158 33.11 -47.22 1.66
C GLY B 158 32.03 -46.18 1.51
N THR B 159 31.06 -46.42 0.62
CA THR B 159 29.89 -45.57 0.53
C THR B 159 28.82 -46.14 1.49
N GLN B 160 27.58 -45.64 1.37
CA GLN B 160 26.42 -46.22 2.04
C GLN B 160 26.62 -46.36 3.55
N PRO B 161 26.52 -45.27 4.31
CA PRO B 161 26.77 -45.33 5.75
C PRO B 161 26.01 -46.45 6.45
N GLN B 162 26.62 -47.02 7.48
CA GLN B 162 26.10 -48.20 8.16
C GLN B 162 25.99 -47.95 9.66
N ALA B 163 24.90 -48.43 10.24
CA ALA B 163 24.72 -48.38 11.69
C ALA B 163 25.64 -49.39 12.35
N VAL B 164 26.25 -48.99 13.47
CA VAL B 164 27.35 -49.75 14.04
C VAL B 164 27.39 -49.53 15.55
N ILE B 165 27.63 -50.60 16.30
CA ILE B 165 27.90 -50.51 17.73
C ILE B 165 29.41 -50.48 17.92
N VAL B 166 29.90 -49.44 18.58
CA VAL B 166 31.33 -49.29 18.84
C VAL B 166 31.66 -49.88 20.19
N MET B 167 32.81 -50.56 20.28
CA MET B 167 33.21 -51.14 21.54
C MET B 167 34.25 -50.25 22.24
N PRO B 168 34.35 -50.34 23.56
CA PRO B 168 35.38 -49.57 24.26
C PRO B 168 36.79 -49.83 23.76
N ASN B 169 37.08 -51.03 23.25
CA ASN B 169 38.40 -51.31 22.71
C ASN B 169 38.59 -50.79 21.29
N GLY B 170 37.54 -50.23 20.67
CA GLY B 170 37.60 -49.73 19.33
C GLY B 170 36.95 -50.61 18.29
N THR B 171 36.66 -51.87 18.63
CA THR B 171 36.02 -52.77 17.69
C THR B 171 34.61 -52.28 17.36
N THR B 172 34.25 -52.34 16.08
CA THR B 172 32.93 -51.96 15.63
C THR B 172 32.10 -53.21 15.33
N ARG B 173 30.79 -53.10 15.59
CA ARG B 173 29.87 -54.24 15.47
C ARG B 173 28.71 -53.81 14.61
N ALA B 174 28.56 -54.46 13.45
CA ALA B 174 27.48 -54.13 12.54
C ALA B 174 26.14 -54.48 13.18
N VAL B 175 25.19 -53.54 13.11
CA VAL B 175 23.88 -53.72 13.69
C VAL B 175 23.00 -54.44 12.68
N SER B 176 22.42 -55.57 13.08
CA SER B 176 21.51 -56.30 12.22
C SER B 176 20.26 -55.47 12.01
N MET B 177 20.02 -55.04 10.77
CA MET B 177 18.81 -54.32 10.41
C MET B 177 17.65 -55.26 10.11
N VAL B 178 17.72 -56.50 10.59
CA VAL B 178 16.67 -57.50 10.39
C VAL B 178 15.81 -57.66 11.65
N ALA B 179 16.38 -58.20 12.73
CA ALA B 179 15.69 -58.45 13.99
C ALA B 179 16.69 -58.60 15.14
N GLU B 180 16.74 -57.61 16.03
CA GLU B 180 17.32 -57.79 17.36
C GLU B 180 18.71 -58.41 17.33
N THR B 181 19.66 -57.64 16.80
CA THR B 181 21.06 -58.07 16.77
C THR B 181 21.50 -58.57 18.14
N PHE B 182 21.92 -59.83 18.19
CA PHE B 182 22.28 -60.51 19.43
C PHE B 182 23.57 -61.29 19.23
N TRP B 183 24.45 -61.25 20.23
CA TRP B 183 25.72 -61.94 20.13
C TRP B 183 26.20 -62.33 21.52
N THR B 184 27.36 -62.98 21.57
CA THR B 184 27.87 -63.60 22.78
C THR B 184 29.38 -63.42 22.83
N ASP B 185 29.90 -63.11 24.02
CA ASP B 185 31.34 -62.92 24.20
C ASP B 185 31.71 -63.41 25.60
N GLY B 186 32.34 -64.57 25.68
CA GLY B 186 32.80 -65.07 26.97
C GLY B 186 31.65 -65.40 27.88
N GLU B 187 31.55 -64.69 29.00
CA GLU B 187 30.45 -64.86 29.94
C GLU B 187 29.22 -64.04 29.55
N PHE B 188 29.38 -63.05 28.69
CA PHE B 188 28.35 -62.04 28.48
C PHE B 188 27.54 -62.32 27.22
N SER B 189 26.26 -61.95 27.29
CA SER B 189 25.37 -61.95 26.15
C SER B 189 24.83 -60.54 25.94
N TYR B 190 24.68 -60.14 24.69
CA TYR B 190 24.20 -58.81 24.34
C TYR B 190 23.04 -58.91 23.37
N LEU B 191 21.97 -58.17 23.63
CA LEU B 191 20.81 -58.13 22.76
C LEU B 191 20.37 -56.68 22.58
N TYR B 192 20.41 -56.20 21.35
CA TYR B 192 19.95 -54.86 21.01
C TYR B 192 18.64 -54.98 20.24
N SER B 193 17.60 -54.32 20.73
CA SER B 193 16.25 -54.42 20.15
C SER B 193 15.71 -53.02 19.90
N PRO B 194 15.83 -52.51 18.66
CA PRO B 194 15.28 -51.19 18.34
C PRO B 194 13.85 -51.27 17.81
N LYS B 195 13.14 -50.14 17.94
CA LYS B 195 11.75 -50.09 17.52
C LYS B 195 11.63 -50.32 16.01
N VAL B 196 12.45 -49.63 15.22
CA VAL B 196 12.62 -49.95 13.81
C VAL B 196 14.10 -50.01 13.51
N PHE B 197 14.46 -50.83 12.54
CA PHE B 197 15.84 -51.12 12.21
C PHE B 197 16.29 -50.27 11.02
N GLY B 198 17.60 -50.33 10.76
CA GLY B 198 18.17 -49.55 9.68
C GLY B 198 18.52 -48.13 10.10
N THR B 199 18.30 -47.18 9.18
CA THR B 199 18.65 -45.79 9.39
C THR B 199 17.49 -44.93 8.91
N ARG B 200 17.59 -43.62 9.16
CA ARG B 200 16.56 -42.66 8.79
C ARG B 200 17.21 -41.46 8.14
N ALA B 201 16.55 -40.92 7.12
CA ALA B 201 17.11 -39.84 6.31
C ALA B 201 16.07 -38.73 6.12
N GLU B 202 16.51 -37.49 6.23
CA GLU B 202 15.66 -36.33 6.02
C GLU B 202 16.41 -35.27 5.22
N THR B 203 15.67 -34.52 4.42
CA THR B 203 16.23 -33.45 3.60
C THR B 203 16.14 -32.14 4.37
N LYS B 204 17.27 -31.48 4.57
CA LYS B 204 17.32 -30.31 5.42
C LYS B 204 18.37 -29.33 4.91
N PHE B 205 18.17 -28.05 5.22
CA PHE B 205 19.15 -27.01 4.98
C PHE B 205 19.90 -26.72 6.28
N ILE B 206 21.23 -26.76 6.21
CA ILE B 206 22.09 -26.52 7.36
C ILE B 206 22.81 -25.19 7.15
N PRO B 207 22.82 -24.29 8.13
CA PRO B 207 23.60 -23.06 7.97
C PRO B 207 25.09 -23.36 7.87
N CYS B 208 25.77 -22.58 7.05
CA CYS B 208 27.19 -22.79 6.80
C CYS B 208 27.87 -21.45 6.52
N PHE B 209 29.15 -21.38 6.86
CA PHE B 209 29.99 -20.23 6.53
C PHE B 209 31.09 -20.70 5.58
N LYS B 210 31.05 -20.20 4.36
CA LYS B 210 32.07 -20.53 3.37
C LYS B 210 33.25 -19.59 3.52
N GLU B 211 34.41 -20.15 3.85
CA GLU B 211 35.63 -19.36 3.97
C GLU B 211 36.59 -19.65 2.83
N GLU B 232 36.38 -23.06 -0.44
CA GLU B 232 37.55 -23.77 0.06
C GLU B 232 37.27 -24.40 1.43
N LYS B 233 36.65 -23.64 2.33
CA LYS B 233 36.39 -24.08 3.69
C LYS B 233 34.95 -23.79 4.06
N PHE B 234 34.24 -24.81 4.52
CA PHE B 234 32.85 -24.67 4.97
C PHE B 234 32.77 -25.03 6.45
N HIS B 235 32.36 -24.05 7.25
CA HIS B 235 32.09 -24.26 8.69
C HIS B 235 30.58 -24.22 8.87
N CYS B 236 30.01 -25.37 9.22
CA CYS B 236 28.56 -25.53 9.22
C CYS B 236 28.04 -25.76 10.63
N LYS B 237 26.72 -25.81 10.74
CA LYS B 237 26.05 -26.00 12.02
C LYS B 237 24.75 -26.76 11.78
N ASP B 238 24.44 -27.69 12.69
CA ASP B 238 23.16 -28.41 12.63
C ASP B 238 22.78 -28.75 14.07
N GLY B 239 21.94 -27.92 14.67
CA GLY B 239 21.54 -28.12 16.06
C GLY B 239 22.70 -27.93 17.00
N ASP B 240 23.05 -28.97 17.75
CA ASP B 240 24.23 -28.95 18.60
C ASP B 240 25.46 -29.56 17.94
N ASN B 241 25.35 -29.97 16.68
CA ASN B 241 26.48 -30.51 15.92
C ASN B 241 27.16 -29.38 15.16
N PHE B 242 28.49 -29.31 15.27
CA PHE B 242 29.28 -28.28 14.60
C PHE B 242 30.46 -28.96 13.94
N PHE B 243 30.52 -28.90 12.62
CA PHE B 243 31.49 -29.67 11.85
C PHE B 243 31.93 -28.88 10.62
N GLU B 244 33.10 -29.24 10.11
CA GLU B 244 33.71 -28.60 8.96
C GLU B 244 33.38 -29.42 7.72
N PHE B 245 32.53 -28.90 6.86
CA PHE B 245 32.08 -29.67 5.70
C PHE B 245 33.24 -29.93 4.75
N PRO B 246 33.36 -31.16 4.26
CA PRO B 246 34.52 -31.52 3.42
C PRO B 246 34.35 -31.13 1.96
N SER B 247 35.28 -31.59 1.13
CA SER B 247 35.31 -31.19 -0.28
C SER B 247 34.05 -31.64 -1.02
N SER B 248 33.81 -32.95 -1.09
CA SER B 248 32.90 -33.53 -2.06
C SER B 248 31.48 -33.71 -1.53
N GLY B 249 31.06 -32.92 -0.54
CA GLY B 249 29.70 -32.99 -0.06
C GLY B 249 29.32 -34.32 0.56
N PHE B 250 30.19 -34.88 1.39
CA PHE B 250 29.87 -36.13 2.10
C PHE B 250 30.75 -36.25 3.32
N ILE B 251 30.13 -36.25 4.51
CA ILE B 251 30.82 -36.43 5.77
C ILE B 251 29.93 -37.23 6.69
N CYS B 252 30.55 -38.03 7.55
CA CYS B 252 29.83 -38.82 8.55
C CYS B 252 30.34 -38.45 9.93
N LEU B 253 29.44 -38.05 10.80
CA LEU B 253 29.69 -37.83 12.21
C LEU B 253 29.28 -39.06 13.00
N PRO B 254 29.61 -39.12 14.29
CA PRO B 254 29.14 -40.25 15.11
C PRO B 254 27.64 -40.49 15.03
N ASP B 255 26.84 -39.44 15.24
CA ASP B 255 25.40 -39.60 15.33
C ASP B 255 24.67 -39.31 14.02
N ALA B 256 25.34 -38.78 13.01
CA ALA B 256 24.65 -38.41 11.78
C ALA B 256 25.64 -38.34 10.63
N CYS B 257 25.13 -38.57 9.43
CA CYS B 257 25.90 -38.40 8.20
C CYS B 257 25.21 -37.35 7.33
N TYR B 258 26.01 -36.48 6.73
CA TYR B 258 25.51 -35.41 5.88
C TYR B 258 26.01 -35.61 4.47
N LYS B 259 25.09 -35.74 3.52
CA LYS B 259 25.43 -35.81 2.11
C LYS B 259 24.77 -34.65 1.39
N ASN B 260 25.58 -33.83 0.73
CA ASN B 260 25.09 -32.71 -0.05
C ASN B 260 24.51 -33.24 -1.36
N GLU B 261 23.23 -32.96 -1.61
CA GLU B 261 22.68 -33.19 -2.94
C GLU B 261 23.46 -32.35 -3.95
N LYS B 262 23.32 -32.69 -5.25
CA LYS B 262 24.35 -32.24 -6.18
C LYS B 262 25.66 -32.82 -5.65
N GLN B 263 25.93 -34.10 -5.90
CA GLN B 263 26.55 -35.09 -5.00
C GLN B 263 25.50 -35.87 -4.22
N LYS B 264 24.28 -35.99 -4.77
CA LYS B 264 23.33 -36.98 -4.27
C LYS B 264 23.36 -38.27 -5.07
N ASN B 265 23.51 -38.17 -6.39
CA ASN B 265 23.56 -39.33 -7.28
C ASN B 265 24.97 -39.90 -7.42
N ASN B 266 25.97 -39.25 -6.82
CA ASN B 266 27.35 -39.69 -6.94
C ASN B 266 27.72 -40.63 -5.81
N LEU B 267 28.61 -41.58 -6.11
CA LEU B 267 29.12 -42.52 -5.12
C LEU B 267 30.42 -41.94 -4.54
N LEU B 268 30.36 -41.53 -3.28
CA LEU B 268 31.52 -40.99 -2.58
C LEU B 268 31.71 -41.74 -1.26
N HIS B 269 32.96 -41.85 -0.84
CA HIS B 269 33.28 -42.35 0.49
C HIS B 269 33.34 -41.14 1.43
N PRO B 270 32.42 -41.01 2.37
CA PRO B 270 32.28 -39.74 3.11
C PRO B 270 33.49 -39.44 3.99
N GLY B 271 33.51 -38.21 4.49
CA GLY B 271 34.46 -37.84 5.50
C GLY B 271 34.17 -38.61 6.78
N MET B 272 35.15 -39.36 7.27
CA MET B 272 34.95 -40.27 8.40
C MET B 272 35.53 -39.66 9.66
N TRP B 273 34.74 -39.65 10.73
CA TRP B 273 35.24 -39.26 12.03
C TRP B 273 36.17 -40.35 12.57
N ASN B 274 37.15 -39.93 13.36
CA ASN B 274 38.01 -40.89 14.04
C ASN B 274 37.27 -41.42 15.27
N ILE B 275 37.31 -42.74 15.45
CA ILE B 275 36.60 -43.33 16.57
C ILE B 275 37.35 -43.10 17.88
N SER B 276 38.68 -43.05 17.84
CA SER B 276 39.44 -42.76 19.05
C SER B 276 39.06 -41.41 19.64
N GLU B 277 38.38 -40.56 18.88
CA GLU B 277 37.85 -39.32 19.43
C GLU B 277 36.70 -39.58 20.39
N LYS B 278 35.92 -40.65 20.16
CA LYS B 278 34.85 -41.02 21.07
C LYS B 278 35.31 -41.92 22.21
N LEU B 279 36.42 -42.65 22.02
CA LEU B 279 36.90 -43.53 23.07
C LEU B 279 37.76 -42.77 24.07
N HIS B 280 38.78 -42.07 23.58
CA HIS B 280 39.73 -41.41 24.46
C HIS B 280 39.17 -40.07 24.93
N ALA B 281 39.36 -39.79 26.21
CA ALA B 281 38.93 -38.52 26.77
C ALA B 281 39.95 -37.43 26.48
N ALA B 282 39.56 -36.19 26.73
CA ALA B 282 40.43 -35.04 26.58
C ALA B 282 40.96 -34.61 27.94
N SER B 283 42.20 -34.12 27.95
CA SER B 283 42.87 -33.79 29.20
C SER B 283 42.50 -32.38 29.66
N VAL B 284 42.82 -32.10 30.93
CA VAL B 284 42.61 -30.76 31.46
C VAL B 284 43.37 -29.73 30.64
N TYR B 285 44.58 -30.08 30.22
CA TYR B 285 45.39 -29.16 29.42
C TYR B 285 44.72 -28.82 28.10
N ASP B 286 44.11 -29.82 27.45
CA ASP B 286 43.41 -29.55 26.21
C ASP B 286 42.29 -28.53 26.39
N VAL B 287 41.60 -28.60 27.53
CA VAL B 287 40.51 -27.67 27.79
C VAL B 287 41.06 -26.30 28.20
N ASN B 288 42.09 -26.28 29.05
CA ASN B 288 42.72 -25.01 29.38
C ASN B 288 43.33 -24.37 28.14
N ASN B 289 43.79 -25.18 27.19
CA ASN B 289 44.26 -24.63 25.92
C ASN B 289 43.12 -23.99 25.15
N VAL B 290 41.91 -24.57 25.24
CA VAL B 290 40.75 -23.99 24.58
C VAL B 290 40.38 -22.66 25.22
N ILE B 291 40.46 -22.58 26.55
CA ILE B 291 40.14 -21.32 27.22
C ILE B 291 41.13 -20.24 26.82
N HIS B 292 42.40 -20.61 26.66
CA HIS B 292 43.41 -19.64 26.23
C HIS B 292 43.11 -19.14 24.83
N SER B 293 42.73 -20.04 23.92
CA SER B 293 42.39 -19.62 22.56
C SER B 293 41.16 -18.73 22.54
N LEU B 294 40.25 -18.92 23.49
CA LEU B 294 39.06 -18.09 23.57
C LEU B 294 39.38 -16.71 24.14
N VAL B 295 40.31 -16.65 25.11
CA VAL B 295 40.74 -15.35 25.64
C VAL B 295 41.47 -14.56 24.56
N TYR B 296 42.25 -15.25 23.73
CA TYR B 296 42.90 -14.60 22.59
C TYR B 296 41.87 -14.00 21.64
N GLU B 297 40.87 -14.80 21.26
CA GLU B 297 39.82 -14.31 20.37
C GLU B 297 39.00 -13.20 21.02
N THR B 298 38.82 -13.25 22.34
CA THR B 298 38.12 -12.15 23.02
C THR B 298 38.92 -10.86 22.95
N GLU B 299 40.25 -10.95 23.03
CA GLU B 299 41.08 -9.75 23.10
C GLU B 299 41.14 -9.06 21.74
N SER B 300 41.46 -9.81 20.67
CA SER B 300 41.38 -9.26 19.33
C SER B 300 40.01 -8.67 19.05
N LEU B 301 38.97 -9.28 19.61
CA LEU B 301 37.63 -8.72 19.53
C LEU B 301 37.58 -7.35 20.19
N ARG B 302 38.07 -7.25 21.42
CA ARG B 302 38.07 -5.97 22.12
C ARG B 302 38.82 -4.91 21.32
N LEU B 303 39.82 -5.32 20.53
CA LEU B 303 40.50 -4.39 19.65
C LEU B 303 39.55 -3.84 18.59
N SER B 304 38.93 -4.74 17.83
CA SER B 304 38.09 -4.32 16.71
C SER B 304 36.95 -3.42 17.19
N LEU B 305 36.29 -3.81 18.29
CA LEU B 305 35.23 -2.97 18.83
C LEU B 305 35.77 -1.60 19.27
N ALA B 306 36.97 -1.59 19.86
CA ALA B 306 37.55 -0.31 20.28
C ALA B 306 37.94 0.54 19.09
N GLN B 307 38.45 -0.08 18.02
CA GLN B 307 38.71 0.66 16.79
C GLN B 307 37.43 1.30 16.26
N LEU B 308 36.34 0.54 16.25
CA LEU B 308 35.07 1.11 15.80
C LEU B 308 34.57 2.18 16.76
N ASP B 309 34.74 1.97 18.06
CA ASP B 309 34.37 3.01 19.02
C ASP B 309 35.16 4.28 18.78
N HIS B 310 36.41 4.15 18.35
CA HIS B 310 37.19 5.33 17.96
C HIS B 310 36.67 5.91 16.64
N ARG B 311 36.25 5.04 15.72
CA ARG B 311 35.74 5.52 14.43
C ARG B 311 34.48 6.36 14.60
N PHE B 312 33.58 5.94 15.51
CA PHE B 312 32.39 6.74 15.79
C PHE B 312 32.77 8.07 16.41
N SER B 313 33.70 8.06 17.37
CA SER B 313 34.10 9.28 18.04
C SER B 313 34.54 10.34 17.03
N VAL B 314 35.35 9.94 16.05
CA VAL B 314 35.78 10.88 15.02
C VAL B 314 34.59 11.36 14.20
N LEU B 315 33.67 10.45 13.89
CA LEU B 315 32.47 10.84 13.15
C LEU B 315 31.62 11.82 13.91
N THR B 316 31.56 11.70 15.24
CA THR B 316 30.75 12.63 16.03
C THR B 316 31.32 14.04 15.99
N LYS B 317 32.65 14.17 16.04
CA LYS B 317 33.25 15.50 16.01
C LYS B 317 33.19 16.11 14.62
N LEU B 318 33.42 15.30 13.59
CA LEU B 318 33.28 15.80 12.23
C LEU B 318 31.85 16.29 11.98
N MET B 319 30.86 15.54 12.45
CA MET B 319 29.48 15.93 12.22
C MET B 319 29.07 17.12 13.08
N ASN B 320 29.68 17.27 14.25
CA ASN B 320 29.41 18.46 15.06
C ASN B 320 29.92 19.71 14.36
N LYS B 321 31.11 19.62 13.75
CA LYS B 321 31.65 20.78 13.05
C LYS B 321 30.81 21.12 11.82
N MET B 322 30.38 20.10 11.07
CA MET B 322 29.56 20.36 9.89
C MET B 322 28.22 20.98 10.26
N VAL B 323 27.61 20.51 11.36
CA VAL B 323 26.33 21.08 11.78
C VAL B 323 26.51 22.52 12.24
N SER B 324 27.60 22.80 12.96
CA SER B 324 27.90 24.19 13.33
C SER B 324 28.10 25.08 12.12
N SER B 325 28.63 24.54 11.03
CA SER B 325 28.83 25.38 9.87
C SER B 325 27.52 25.61 9.12
N LEU B 326 26.71 24.56 8.94
CA LEU B 326 25.45 24.71 8.21
C LEU B 326 24.36 25.36 9.05
N ALA B 327 24.36 25.13 10.36
CA ALA B 327 23.32 25.73 11.18
C ALA B 327 23.39 27.24 11.16
N LYS B 328 24.56 27.81 10.87
CA LYS B 328 24.66 29.25 10.68
C LYS B 328 23.85 29.70 9.46
N ILE B 329 23.76 28.85 8.45
CA ILE B 329 22.97 29.17 7.25
C ILE B 329 21.51 28.79 7.43
N ASP B 330 21.25 27.57 7.90
CA ASP B 330 19.89 27.13 8.23
C ASP B 330 19.78 27.08 9.75
N ASP B 331 19.21 28.14 10.33
CA ASP B 331 19.09 28.23 11.78
C ASP B 331 18.04 27.29 12.35
N ARG B 332 17.22 26.66 11.51
CA ARG B 332 16.25 25.67 11.96
C ARG B 332 16.74 24.24 11.75
N LEU B 333 18.04 24.06 11.51
CA LEU B 333 18.59 22.72 11.35
C LEU B 333 18.78 22.03 12.68
N ILE B 334 19.42 22.71 13.64
CA ILE B 334 19.60 22.16 14.97
C ILE B 334 18.27 21.74 15.56
N GLY B 335 17.22 22.51 15.29
CA GLY B 335 15.90 22.16 15.79
C GLY B 335 15.39 20.83 15.26
N ALA B 336 15.63 20.57 13.97
CA ALA B 336 15.19 19.31 13.39
C ALA B 336 16.07 18.14 13.82
N LEU B 337 17.35 18.39 14.10
CA LEU B 337 18.20 17.35 14.65
C LEU B 337 17.75 16.98 16.05
N LEU B 338 17.56 17.97 16.92
CA LEU B 338 17.05 17.74 18.26
C LEU B 338 15.55 17.50 18.30
N GLU B 339 14.87 17.61 17.15
CA GLU B 339 13.44 17.37 17.02
C GLU B 339 12.61 18.32 17.90
N LYS B 340 13.19 19.46 18.27
CA LYS B 340 12.52 20.49 19.04
C LYS B 340 12.43 21.76 18.20
N PRO B 341 11.27 22.40 18.10
CA PRO B 341 11.14 23.63 17.30
C PRO B 341 11.92 24.77 17.94
N MET B 342 12.91 25.29 17.21
CA MET B 342 13.75 26.37 17.71
C MET B 342 14.48 27.00 16.55
N ALA B 343 15.25 28.04 16.85
CA ALA B 343 16.08 28.72 15.86
C ALA B 343 17.42 29.06 16.51
N SER B 344 18.50 28.82 15.78
CA SER B 344 19.83 28.99 16.32
C SER B 344 20.37 30.38 16.01
N LYS B 345 21.25 30.86 16.89
CA LYS B 345 21.93 32.14 16.70
C LYS B 345 23.35 32.01 17.23
N PHE B 346 24.33 32.03 16.33
CA PHE B 346 25.73 31.85 16.69
C PHE B 346 26.37 33.18 17.07
N ILE B 347 26.96 33.24 18.27
CA ILE B 347 27.73 34.40 18.69
C ILE B 347 29.22 34.22 18.46
N SER B 348 29.64 33.07 17.94
CA SER B 348 31.04 32.77 17.66
C SER B 348 31.08 31.52 16.80
N PRO B 349 32.16 31.33 16.03
CA PRO B 349 32.24 30.15 15.15
C PRO B 349 32.10 28.82 15.87
N THR B 350 32.07 28.81 17.20
CA THR B 350 31.93 27.58 17.97
C THR B 350 30.75 27.57 18.93
N LYS B 351 30.22 28.73 19.31
CA LYS B 351 29.11 28.78 20.26
C LYS B 351 27.91 29.48 19.66
N PHE B 352 26.74 28.93 19.95
CA PHE B 352 25.47 29.50 19.52
C PHE B 352 24.52 29.52 20.71
N MET B 353 23.39 30.21 20.51
CA MET B 353 22.33 30.27 21.50
C MET B 353 21.00 30.22 20.79
N VAL B 354 19.99 29.73 21.48
CA VAL B 354 18.76 29.31 20.82
C VAL B 354 17.56 30.10 21.34
N SER B 355 16.61 30.34 20.44
CA SER B 355 15.34 31.01 20.69
C SER B 355 14.20 30.08 20.36
N PRO B 356 13.11 30.14 21.11
CA PRO B 356 12.02 29.18 20.93
C PRO B 356 11.18 29.47 19.69
N CYS B 357 10.47 28.43 19.24
CA CYS B 357 9.52 28.55 18.14
C CYS B 357 8.77 27.23 17.93
N SER B 393 3.79 8.39 -0.04
CA SER B 393 4.63 8.64 -1.21
C SER B 393 5.90 7.79 -1.14
N GLN B 394 6.78 7.97 -2.12
CA GLN B 394 8.03 7.22 -2.15
C GLN B 394 9.09 7.89 -1.26
N THR B 395 10.26 7.26 -1.20
CA THR B 395 11.36 7.71 -0.36
C THR B 395 12.64 7.12 -0.94
N ILE B 396 13.73 7.88 -0.88
CA ILE B 396 15.00 7.39 -1.40
C ILE B 396 15.97 7.24 -0.24
N ASP B 397 16.90 6.30 -0.39
CA ASP B 397 17.71 5.79 0.70
C ASP B 397 19.17 6.01 0.35
N LEU B 398 19.83 6.95 1.04
CA LEU B 398 21.20 7.32 0.73
C LEU B 398 22.22 6.31 1.22
N PHE B 399 21.82 5.39 2.11
CA PHE B 399 22.76 4.51 2.79
C PHE B 399 22.68 3.06 2.33
N ASN B 400 21.48 2.57 2.00
CA ASN B 400 21.28 1.18 1.59
C ASN B 400 21.80 0.21 2.65
N PHE B 401 21.51 0.53 3.91
CA PHE B 401 21.86 -0.33 5.02
C PHE B 401 20.83 -1.43 5.18
N LYS B 402 21.29 -2.62 5.57
CA LYS B 402 20.41 -3.74 5.86
C LYS B 402 20.57 -4.16 7.31
N THR B 403 19.59 -4.94 7.79
CA THR B 403 19.57 -5.39 9.18
C THR B 403 20.89 -6.06 9.54
N LEU B 404 21.50 -5.58 10.62
CA LEU B 404 22.79 -6.11 11.04
C LEU B 404 22.67 -7.57 11.42
N TRP B 405 23.58 -8.38 10.91
CA TRP B 405 23.62 -9.80 11.26
C TRP B 405 24.24 -9.98 12.65
N LEU B 406 23.55 -10.73 13.49
CA LEU B 406 24.00 -10.96 14.85
C LEU B 406 24.38 -12.42 15.05
N PRO B 407 25.57 -12.71 15.57
CA PRO B 407 25.91 -14.09 15.91
C PRO B 407 24.95 -14.66 16.93
N GLN B 408 24.23 -15.71 16.52
CA GLN B 408 23.25 -16.33 17.40
C GLN B 408 23.95 -17.22 18.43
N LEU B 409 23.17 -17.61 19.44
CA LEU B 409 23.70 -18.44 20.53
C LEU B 409 24.03 -19.84 20.02
N VAL B 410 25.00 -20.48 20.70
CA VAL B 410 25.54 -21.76 20.27
C VAL B 410 25.85 -22.60 21.51
N ALA B 411 25.43 -23.87 21.50
CA ALA B 411 25.67 -24.79 22.61
C ALA B 411 26.05 -26.15 22.03
N ALA B 412 27.34 -26.48 22.06
CA ALA B 412 27.82 -27.73 21.51
C ALA B 412 27.35 -28.92 22.34
N LYS B 413 27.34 -30.09 21.72
CA LYS B 413 26.90 -31.31 22.37
C LYS B 413 28.09 -32.03 23.00
N VAL B 414 27.92 -32.44 24.26
CA VAL B 414 28.96 -33.14 25.01
C VAL B 414 28.34 -34.43 25.56
N GLU B 415 28.91 -35.56 25.14
CA GLU B 415 28.32 -36.86 25.45
C GLU B 415 29.21 -37.79 26.27
N GLY B 416 30.46 -37.43 26.54
CA GLY B 416 31.35 -38.32 27.26
C GLY B 416 32.00 -39.33 26.35
N VAL B 417 32.70 -40.27 26.97
CA VAL B 417 33.44 -41.29 26.25
C VAL B 417 32.65 -42.59 26.24
N VAL B 418 33.09 -43.54 25.41
CA VAL B 418 32.34 -44.77 25.22
C VAL B 418 32.33 -45.62 26.47
N SER B 419 33.48 -45.71 27.16
CA SER B 419 33.56 -46.57 28.34
C SER B 419 32.57 -46.14 29.41
N ASP B 420 32.31 -44.84 29.53
CA ASP B 420 31.44 -44.35 30.59
C ASP B 420 29.96 -44.59 30.29
N GLU B 421 29.64 -45.24 29.18
CA GLU B 421 28.26 -45.66 28.97
C GLU B 421 27.85 -46.66 30.04
N ASP B 422 26.54 -46.75 30.29
CA ASP B 422 26.06 -47.59 31.38
C ASP B 422 26.36 -49.06 31.13
N GLY B 423 26.19 -49.53 29.89
CA GLY B 423 26.44 -50.91 29.56
C GLY B 423 27.88 -51.33 29.78
N TRP B 424 28.81 -50.63 29.13
CA TRP B 424 30.22 -50.98 29.25
C TRP B 424 30.76 -50.71 30.65
N THR B 425 30.10 -49.84 31.42
CA THR B 425 30.44 -49.74 32.84
C THR B 425 29.96 -50.96 33.61
N PHE B 426 28.80 -51.50 33.22
CA PHE B 426 28.29 -52.72 33.86
C PHE B 426 29.17 -53.92 33.52
N VAL B 427 29.57 -54.06 32.26
CA VAL B 427 30.48 -55.13 31.88
C VAL B 427 31.79 -55.01 32.66
N ALA B 428 32.38 -53.81 32.65
CA ALA B 428 33.67 -53.60 33.28
C ALA B 428 33.64 -53.91 34.78
N ASN B 429 32.51 -53.64 35.43
CA ASN B 429 32.43 -53.86 36.88
C ASN B 429 32.16 -55.32 37.20
N SER B 430 31.34 -55.98 36.38
CA SER B 430 31.14 -57.42 36.54
C SER B 430 32.47 -58.17 36.48
N LYS B 431 33.30 -57.84 35.49
CA LYS B 431 34.63 -58.44 35.42
C LYS B 431 35.48 -58.02 36.60
N GLN B 432 35.40 -56.75 37.01
CA GLN B 432 36.12 -56.32 38.20
C GLN B 432 35.63 -57.08 39.42
N ALA B 433 34.32 -57.35 39.49
CA ALA B 433 33.81 -58.20 40.55
C ALA B 433 34.42 -59.60 40.48
N LEU B 434 34.57 -60.13 39.27
CA LEU B 434 35.19 -61.44 39.11
C LEU B 434 36.63 -61.43 39.59
N LEU B 435 37.35 -60.34 39.35
CA LEU B 435 38.73 -60.26 39.84
C LEU B 435 38.76 -60.19 41.37
N ASP B 436 37.76 -59.55 41.98
CA ASP B 436 37.75 -59.38 43.42
C ASP B 436 37.38 -60.65 44.18
N THR B 437 36.67 -61.58 43.55
CA THR B 437 36.23 -62.77 44.24
C THR B 437 37.18 -63.95 44.07
N MET B 438 38.05 -63.91 43.07
CA MET B 438 38.94 -65.02 42.76
C MET B 438 40.36 -64.79 43.29
N THR B 439 40.51 -63.99 44.34
CA THR B 439 41.86 -63.73 44.87
C THR B 439 42.41 -64.94 45.59
N TYR B 440 41.58 -65.62 46.39
CA TYR B 440 42.04 -66.78 47.14
C TYR B 440 40.88 -67.76 47.32
N THR B 441 41.23 -69.02 47.54
CA THR B 441 40.26 -70.09 47.68
C THR B 441 39.79 -70.20 49.12
N LYS B 442 38.49 -70.36 49.29
CA LYS B 442 37.92 -70.66 50.59
C LYS B 442 37.80 -72.17 50.78
N ASN B 443 37.88 -72.61 52.03
CA ASN B 443 37.77 -74.03 52.34
C ASN B 443 36.31 -74.35 52.68
N GLY B 444 35.72 -75.24 51.89
CA GLY B 444 34.31 -75.57 52.07
C GLY B 444 34.08 -76.77 52.96
N GLY B 445 35.02 -77.04 53.86
CA GLY B 445 34.89 -78.15 54.77
C GLY B 445 33.79 -77.93 55.81
N LEU C 3 -60.68 95.97 3.14
CA LEU C 3 -59.63 96.99 3.18
C LEU C 3 -58.57 96.66 4.22
N CYS C 4 -57.44 97.35 4.16
CA CYS C 4 -56.33 97.04 5.02
C CYS C 4 -56.08 98.22 5.98
N ASN C 5 -54.94 98.16 6.68
CA ASN C 5 -54.53 99.20 7.61
C ASN C 5 -53.08 99.57 7.37
N LYS C 6 -52.74 99.88 6.10
CA LYS C 6 -51.36 100.04 5.66
C LYS C 6 -50.55 101.00 6.52
N GLN C 7 -51.20 101.88 7.28
CA GLN C 7 -50.45 102.84 8.08
C GLN C 7 -49.56 102.16 9.11
N GLN C 8 -50.10 101.19 9.84
CA GLN C 8 -49.37 100.62 10.97
C GLN C 8 -48.56 99.40 10.55
N GLN C 9 -47.42 99.21 11.21
CA GLN C 9 -46.42 98.24 10.84
C GLN C 9 -46.56 96.99 11.69
N GLN C 10 -45.70 96.00 11.40
CA GLN C 10 -45.27 95.00 12.37
C GLN C 10 -44.09 94.18 11.84
N GLY C 11 -42.99 94.13 12.58
CA GLY C 11 -41.84 93.36 12.16
C GLY C 11 -40.52 94.04 12.47
N PRO C 12 -39.57 93.98 11.52
CA PRO C 12 -39.70 93.28 10.23
C PRO C 12 -39.50 91.77 10.37
N PHE C 13 -40.04 91.01 9.42
CA PHE C 13 -40.03 89.55 9.48
C PHE C 13 -39.10 88.96 8.44
N THR C 14 -38.61 87.76 8.73
CA THR C 14 -37.83 86.97 7.79
C THR C 14 -38.47 85.61 7.64
N PHE C 15 -38.38 85.06 6.43
CA PHE C 15 -38.92 83.73 6.18
C PHE C 15 -38.03 82.69 6.85
N ALA C 16 -38.64 81.80 7.63
CA ALA C 16 -37.92 80.75 8.33
C ALA C 16 -37.78 79.54 7.40
N ASN C 17 -36.54 79.24 7.00
CA ASN C 17 -36.27 78.11 6.14
C ASN C 17 -35.98 76.86 6.98
N TYR C 18 -36.36 75.72 6.43
CA TYR C 18 -36.18 74.43 7.09
C TYR C 18 -34.88 73.81 6.62
N GLN C 19 -34.06 73.35 7.57
CA GLN C 19 -32.79 72.74 7.27
C GLN C 19 -32.75 71.32 7.82
N GLU C 20 -32.06 70.45 7.09
CA GLU C 20 -32.02 69.03 7.41
C GLU C 20 -31.27 68.76 8.70
N SER C 21 -31.50 67.58 9.26
CA SER C 21 -30.70 67.08 10.36
C SER C 21 -29.49 66.35 9.80
N PRO C 22 -28.26 66.82 10.05
CA PRO C 22 -27.09 66.14 9.50
C PRO C 22 -26.99 64.73 10.04
N LEU C 23 -26.68 63.79 9.14
CA LEU C 23 -26.46 62.40 9.49
C LEU C 23 -25.09 61.97 9.02
N ASN C 24 -24.46 61.09 9.78
CA ASN C 24 -23.09 60.69 9.53
C ASN C 24 -22.96 59.39 8.74
N VAL C 25 -24.06 58.73 8.40
CA VAL C 25 -23.96 57.48 7.66
C VAL C 25 -23.73 57.77 6.19
N SER C 26 -22.72 57.13 5.61
CA SER C 26 -22.39 57.27 4.20
C SER C 26 -22.09 55.89 3.63
N ARG C 27 -22.21 55.79 2.31
CA ARG C 27 -22.04 54.52 1.62
C ARG C 27 -20.61 54.38 1.15
N LEU C 28 -19.97 53.27 1.52
CA LEU C 28 -18.57 53.03 1.22
C LEU C 28 -18.40 51.73 0.45
N GLN C 29 -17.49 51.75 -0.53
CA GLN C 29 -17.07 50.55 -1.25
C GLN C 29 -15.68 50.20 -0.71
N ILE C 30 -15.65 49.44 0.38
CA ILE C 30 -14.39 49.11 1.04
C ILE C 30 -13.65 48.06 0.24
N LYS C 31 -12.37 48.31 -0.02
CA LYS C 31 -11.51 47.35 -0.71
C LYS C 31 -11.03 46.30 0.28
N VAL C 32 -11.35 45.04 0.02
CA VAL C 32 -11.00 43.94 0.91
C VAL C 32 -10.13 42.93 0.19
N THR C 33 -9.41 42.15 0.96
CA THR C 33 -8.81 40.90 0.53
C THR C 33 -9.61 39.77 1.17
N LYS C 34 -10.27 38.97 0.34
CA LYS C 34 -11.27 38.02 0.80
C LYS C 34 -10.70 36.61 0.77
N THR C 35 -10.53 36.03 1.94
CA THR C 35 -9.97 34.69 2.09
C THR C 35 -11.10 33.68 2.17
N THR C 36 -11.07 32.66 1.30
CA THR C 36 -12.08 31.61 1.30
C THR C 36 -11.43 30.26 1.10
N VAL C 37 -11.99 29.22 1.73
CA VAL C 37 -11.44 27.86 1.70
C VAL C 37 -12.46 26.89 1.14
N GLN C 38 -13.42 27.40 0.37
CA GLN C 38 -14.53 26.57 -0.04
C GLN C 38 -14.14 25.58 -1.14
N ASP C 39 -14.69 24.39 -1.05
CA ASP C 39 -14.39 23.30 -1.96
C ASP C 39 -15.61 22.40 -1.99
N ARG C 40 -16.38 22.47 -3.07
CA ARG C 40 -17.66 21.78 -3.13
C ARG C 40 -17.50 20.46 -3.88
N GLY C 41 -18.33 19.50 -3.51
CA GLY C 41 -18.26 18.15 -4.04
C GLY C 41 -18.12 17.21 -2.87
N LYS C 42 -18.49 15.94 -3.06
CA LYS C 42 -18.33 14.97 -1.98
C LYS C 42 -16.84 14.82 -1.68
N ASN C 43 -16.42 15.34 -0.53
CA ASN C 43 -15.01 15.44 -0.19
C ASN C 43 -14.65 14.75 1.11
N PHE C 44 -15.64 14.26 1.86
CA PHE C 44 -15.43 13.72 3.20
C PHE C 44 -15.94 12.29 3.26
N ILE C 45 -15.11 11.39 3.80
CA ILE C 45 -15.43 9.97 3.90
C ILE C 45 -15.29 9.55 5.36
N ILE C 46 -16.36 9.06 5.95
CA ILE C 46 -16.39 8.62 7.33
C ILE C 46 -16.66 7.12 7.37
N GLY C 47 -15.79 6.39 8.06
CA GLY C 47 -15.96 4.95 8.17
C GLY C 47 -15.67 4.46 9.58
N TYR C 48 -16.58 3.66 10.14
CA TYR C 48 -16.40 3.07 11.44
C TYR C 48 -16.34 1.56 11.32
N ARG C 49 -15.74 0.92 12.32
CA ARG C 49 -15.63 -0.53 12.35
C ARG C 49 -15.27 -0.97 13.76
N ALA C 50 -15.89 -2.06 14.20
CA ALA C 50 -15.60 -2.63 15.52
C ALA C 50 -16.10 -4.07 15.52
N TYR C 51 -15.73 -4.80 16.57
CA TYR C 51 -16.19 -6.18 16.74
C TYR C 51 -16.45 -6.46 18.21
N TRP C 52 -17.45 -7.30 18.46
CA TRP C 52 -17.83 -7.71 19.80
C TRP C 52 -17.31 -9.13 20.04
N ARG C 53 -16.39 -9.27 20.99
CA ARG C 53 -15.73 -10.53 21.26
C ARG C 53 -16.26 -11.14 22.55
N SER C 54 -16.56 -12.44 22.53
CA SER C 54 -17.07 -13.15 23.71
C SER C 54 -16.34 -14.49 23.80
N TYR C 55 -15.24 -14.52 24.55
CA TYR C 55 -14.43 -15.72 24.74
C TYR C 55 -14.72 -16.27 26.13
N CYS C 56 -15.42 -17.40 26.18
CA CYS C 56 -15.88 -17.98 27.42
C CYS C 56 -15.28 -19.37 27.62
N TYR C 57 -15.14 -19.78 28.88
CA TYR C 57 -14.62 -21.10 29.24
C TYR C 57 -15.52 -21.66 30.33
N ASN C 58 -16.08 -22.85 30.09
CA ASN C 58 -16.99 -23.50 31.03
C ASN C 58 -16.30 -24.74 31.57
N GLY C 59 -15.65 -24.61 32.72
CA GLY C 59 -14.94 -25.74 33.31
C GLY C 59 -15.57 -26.26 34.59
N GLY C 60 -16.65 -25.64 35.02
CA GLY C 60 -17.25 -25.97 36.29
C GLY C 60 -17.02 -24.87 37.33
N SER C 61 -17.84 -24.90 38.37
CA SER C 61 -17.84 -23.83 39.37
C SER C 61 -16.57 -23.81 40.21
N LEU C 62 -15.77 -24.87 40.18
CA LEU C 62 -14.54 -24.92 40.95
C LEU C 62 -13.35 -24.37 40.19
N ASP C 63 -13.40 -24.33 38.86
CA ASP C 63 -12.28 -23.81 38.08
C ASP C 63 -12.29 -22.28 38.13
N GLY C 64 -11.13 -21.70 38.41
CA GLY C 64 -11.01 -20.26 38.51
C GLY C 64 -11.10 -19.54 37.18
N ASN C 65 -10.84 -20.24 36.09
CA ASN C 65 -10.92 -19.66 34.76
C ASN C 65 -12.31 -19.78 34.14
N THR C 66 -13.29 -20.32 34.86
CA THR C 66 -14.64 -20.42 34.34
C THR C 66 -15.29 -19.04 34.31
N GLY C 67 -15.85 -18.67 33.18
CA GLY C 67 -16.43 -17.36 32.99
C GLY C 67 -16.25 -16.90 31.55
N CYS C 68 -16.53 -15.63 31.32
CA CYS C 68 -16.43 -15.03 30.00
C CYS C 68 -15.50 -13.84 30.01
N TYR C 69 -14.78 -13.66 28.89
CA TYR C 69 -13.96 -12.48 28.64
C TYR C 69 -14.57 -11.77 27.44
N ASN C 70 -15.32 -10.70 27.68
CA ASN C 70 -16.04 -9.98 26.65
C ASN C 70 -15.44 -8.59 26.44
N SER C 71 -15.58 -8.07 25.22
CA SER C 71 -14.97 -6.79 24.90
C SER C 71 -15.57 -6.25 23.61
N LEU C 72 -15.62 -4.92 23.53
CA LEU C 72 -15.99 -4.19 22.32
C LEU C 72 -14.73 -3.49 21.82
N ASN C 73 -14.08 -4.07 20.81
CA ASN C 73 -12.77 -3.59 20.39
C ASN C 73 -12.87 -2.85 19.08
N PRO C 74 -12.45 -1.58 19.04
CA PRO C 74 -12.56 -0.80 17.80
C PRO C 74 -11.42 -1.11 16.84
N LYS C 75 -11.76 -1.19 15.56
CA LYS C 75 -10.80 -1.41 14.48
C LYS C 75 -11.07 -0.43 13.34
N PRO C 76 -10.75 0.84 13.55
CA PRO C 76 -11.00 1.85 12.51
C PRO C 76 -10.15 1.58 11.28
N PRO C 77 -10.73 1.73 10.09
CA PRO C 77 -9.97 1.45 8.87
C PRO C 77 -8.81 2.42 8.69
N THR C 78 -7.76 1.94 8.04
CA THR C 78 -6.63 2.80 7.71
C THR C 78 -6.98 3.67 6.52
N LYS C 79 -6.00 4.45 6.05
CA LYS C 79 -6.25 5.43 4.99
C LYS C 79 -6.75 4.75 3.73
N ASP C 80 -5.92 3.89 3.12
CA ASP C 80 -6.31 3.23 1.89
C ASP C 80 -7.47 2.26 2.08
N GLU C 81 -7.68 1.80 3.32
CA GLU C 81 -8.87 1.03 3.62
C GLU C 81 -10.12 1.93 3.63
N LEU C 82 -9.97 3.17 4.06
CA LEU C 82 -11.11 4.09 4.02
C LEU C 82 -11.37 4.59 2.60
N LYS C 83 -10.34 4.67 1.77
CA LYS C 83 -10.54 5.09 0.39
C LYS C 83 -11.34 4.05 -0.39
N THR C 84 -10.87 2.80 -0.38
CA THR C 84 -11.59 1.76 -1.11
C THR C 84 -13.03 1.62 -0.61
N TRP C 85 -13.27 1.95 0.66
CA TRP C 85 -14.62 1.84 1.20
C TRP C 85 -15.56 2.86 0.57
N GLY C 86 -15.22 4.14 0.69
CA GLY C 86 -16.04 5.17 0.07
C GLY C 86 -16.12 5.02 -1.44
N GLN C 87 -15.06 4.52 -2.06
CA GLN C 87 -15.08 4.31 -3.51
C GLN C 87 -16.06 3.21 -3.89
N GLU C 88 -16.21 2.18 -3.05
CA GLU C 88 -17.05 1.03 -3.36
C GLU C 88 -18.37 1.02 -2.61
N GLU C 89 -18.64 2.04 -1.77
CA GLU C 89 -19.87 2.12 -0.99
C GLU C 89 -20.00 0.95 -0.01
N VAL C 90 -18.88 0.42 0.48
CA VAL C 90 -18.89 -0.87 1.18
C VAL C 90 -17.73 -0.93 2.17
N CYS C 91 -17.99 -1.54 3.34
CA CYS C 91 -16.98 -1.76 4.37
C CYS C 91 -16.66 -3.25 4.52
N TYR C 92 -15.41 -3.56 4.84
CA TYR C 92 -14.94 -4.93 4.99
C TYR C 92 -14.62 -5.22 6.45
N THR C 93 -15.01 -6.42 6.92
CA THR C 93 -14.74 -6.86 8.30
C THR C 93 -14.31 -8.32 8.29
N GLY C 94 -14.09 -8.86 9.49
CA GLY C 94 -13.71 -10.23 9.66
C GLY C 94 -14.88 -11.18 9.59
N PRO C 95 -14.73 -12.37 10.16
CA PRO C 95 -15.78 -13.39 10.08
C PRO C 95 -16.75 -13.35 11.24
N GLU C 96 -18.00 -13.68 10.90
CA GLU C 96 -19.06 -13.82 11.89
C GLU C 96 -18.93 -15.18 12.56
N VAL C 97 -18.66 -15.17 13.87
CA VAL C 97 -18.44 -16.39 14.64
C VAL C 97 -19.54 -16.51 15.68
N GLN C 98 -20.19 -17.67 15.73
CA GLN C 98 -21.30 -17.92 16.63
C GLN C 98 -21.23 -19.36 17.11
N ASP C 99 -21.12 -19.55 18.43
CA ASP C 99 -21.08 -20.88 19.05
C ASP C 99 -19.95 -21.73 18.48
N ALA C 100 -18.76 -21.15 18.44
CA ALA C 100 -17.55 -21.88 18.08
C ALA C 100 -16.85 -22.28 19.36
N TRP C 101 -16.72 -23.59 19.59
CA TRP C 101 -16.13 -24.07 20.83
C TRP C 101 -14.86 -24.86 20.53
N SER C 102 -14.38 -25.57 21.56
CA SER C 102 -12.96 -25.82 21.82
C SER C 102 -12.06 -25.89 20.59
N GLY C 103 -12.43 -26.69 19.60
CA GLY C 103 -11.66 -26.72 18.37
C GLY C 103 -11.73 -25.39 17.65
N ASP C 104 -12.94 -24.98 17.28
CA ASP C 104 -13.16 -23.74 16.55
C ASP C 104 -13.08 -22.50 17.44
N SER C 105 -13.07 -22.66 18.76
CA SER C 105 -13.02 -21.51 19.66
C SER C 105 -11.73 -20.71 19.50
N SER C 106 -10.68 -21.31 18.95
CA SER C 106 -9.43 -20.59 18.75
C SER C 106 -9.56 -19.44 17.76
N ILE C 107 -10.67 -19.36 17.03
CA ILE C 107 -10.85 -18.37 15.98
C ILE C 107 -11.06 -16.98 16.57
N CYS C 108 -11.15 -16.90 17.89
CA CYS C 108 -11.30 -15.60 18.53
C CYS C 108 -10.04 -14.74 18.45
N PHE C 109 -8.89 -15.32 18.10
CA PHE C 109 -7.63 -14.57 17.94
C PHE C 109 -6.90 -15.13 16.73
N VAL C 110 -7.14 -14.55 15.54
CA VAL C 110 -6.57 -15.10 14.31
C VAL C 110 -5.90 -14.03 13.46
N ASP C 111 -6.18 -12.75 13.73
CA ASP C 111 -5.80 -11.65 12.83
C ASP C 111 -6.49 -11.83 11.48
N TRP C 112 -7.81 -11.70 11.53
CA TRP C 112 -8.72 -12.27 10.53
C TRP C 112 -8.47 -11.77 9.10
N LYS C 113 -7.78 -10.65 8.92
CA LYS C 113 -7.48 -10.10 7.59
C LYS C 113 -8.78 -9.86 6.80
N MET C 114 -9.54 -8.89 7.31
CA MET C 114 -10.93 -8.61 6.93
C MET C 114 -11.20 -8.84 5.45
N ASP C 115 -12.12 -9.76 5.17
CA ASP C 115 -12.46 -10.11 3.79
C ASP C 115 -13.96 -10.22 3.55
N ASN C 116 -14.80 -10.03 4.55
CA ASN C 116 -16.24 -10.09 4.39
C ASN C 116 -16.77 -8.71 4.02
N LYS C 117 -17.60 -8.65 2.99
CA LYS C 117 -18.06 -7.41 2.41
C LYS C 117 -19.49 -7.11 2.85
N HIS C 118 -19.74 -5.85 3.21
CA HIS C 118 -21.07 -5.40 3.62
C HIS C 118 -21.34 -4.00 3.09
N ARG C 119 -22.59 -3.76 2.70
CA ARG C 119 -23.03 -2.38 2.51
C ARG C 119 -23.21 -1.70 3.86
N ALA C 120 -23.90 -2.37 4.78
CA ALA C 120 -24.02 -1.92 6.16
C ALA C 120 -24.09 -3.15 7.04
N LYS C 121 -23.48 -3.07 8.23
CA LYS C 121 -23.42 -4.22 9.12
C LYS C 121 -23.45 -3.74 10.57
N GLU C 122 -24.43 -4.23 11.33
CA GLU C 122 -24.50 -4.00 12.76
C GLU C 122 -24.34 -5.33 13.49
N LEU C 123 -23.53 -5.34 14.55
CA LEU C 123 -23.17 -6.57 15.22
C LEU C 123 -24.37 -7.14 15.99
N GLU C 124 -24.13 -8.26 16.67
CA GLU C 124 -25.08 -8.86 17.59
C GLU C 124 -24.35 -9.22 18.88
N LYS C 125 -24.84 -8.70 20.00
CA LYS C 125 -24.21 -8.93 21.30
C LYS C 125 -24.65 -10.30 21.82
N ARG C 126 -23.91 -11.32 21.43
CA ARG C 126 -24.22 -12.69 21.84
C ARG C 126 -23.09 -13.26 22.69
N SER C 127 -23.46 -14.16 23.59
CA SER C 127 -22.50 -14.90 24.41
C SER C 127 -23.10 -16.25 24.75
N ASN C 128 -22.21 -17.21 25.06
CA ASN C 128 -22.62 -18.58 25.34
C ASN C 128 -21.49 -19.36 25.97
N ASN C 129 -21.75 -20.03 27.08
CA ASN C 129 -20.72 -20.79 27.80
C ASN C 129 -21.27 -22.15 28.24
N ASN C 130 -21.92 -22.85 27.31
CA ASN C 130 -22.58 -24.11 27.61
C ASN C 130 -21.80 -25.32 27.08
N HIS C 131 -20.48 -25.19 26.96
CA HIS C 131 -19.62 -26.29 26.51
C HIS C 131 -18.67 -26.61 27.65
N PHE C 132 -19.01 -27.64 28.43
CA PHE C 132 -18.21 -28.00 29.59
C PHE C 132 -16.83 -28.48 29.17
N ALA C 133 -15.85 -28.21 30.03
CA ALA C 133 -14.44 -28.58 29.79
C ALA C 133 -13.92 -27.95 28.50
N HIS C 134 -14.47 -26.81 28.10
CA HIS C 134 -14.18 -26.27 26.78
C HIS C 134 -14.35 -24.76 26.78
N HIS C 135 -13.77 -24.14 25.75
CA HIS C 135 -13.93 -22.72 25.44
C HIS C 135 -15.10 -22.54 24.47
N THR C 136 -15.63 -21.32 24.44
CA THR C 136 -16.68 -20.96 23.49
C THR C 136 -16.46 -19.54 23.03
N CYS C 137 -16.47 -19.31 21.71
CA CYS C 137 -16.07 -18.04 21.12
C CYS C 137 -17.20 -17.50 20.27
N ASN C 138 -17.63 -16.28 20.57
CA ASN C 138 -18.64 -15.56 19.80
C ASN C 138 -18.04 -14.26 19.29
N LEU C 139 -18.28 -13.94 18.02
CA LEU C 139 -17.65 -12.79 17.39
C LEU C 139 -18.61 -12.17 16.39
N SER C 140 -18.93 -10.90 16.59
CA SER C 140 -19.84 -10.15 15.74
C SER C 140 -19.14 -8.87 15.31
N TRP C 141 -19.48 -8.37 14.12
CA TRP C 141 -18.80 -7.23 13.54
C TRP C 141 -19.81 -6.15 13.14
N ARG C 142 -19.33 -4.91 13.13
CA ARG C 142 -20.13 -3.76 12.71
C ARG C 142 -19.27 -2.84 11.86
N CYS C 143 -19.84 -2.28 10.80
CA CYS C 143 -19.10 -1.36 9.96
C CYS C 143 -20.05 -0.53 9.12
N GLY C 144 -19.62 0.69 8.79
CA GLY C 144 -20.39 1.59 7.95
C GLY C 144 -19.51 2.60 7.26
N VAL C 145 -20.03 3.17 6.18
CA VAL C 145 -19.29 4.09 5.32
C VAL C 145 -20.24 5.17 4.83
N THR C 146 -19.69 6.36 4.58
CA THR C 146 -20.46 7.44 3.99
C THR C 146 -19.53 8.44 3.32
N ASN C 147 -19.98 8.98 2.20
CA ASN C 147 -19.30 10.05 1.49
C ASN C 147 -20.19 11.28 1.52
N THR C 148 -19.67 12.38 2.09
CA THR C 148 -20.44 13.60 2.27
C THR C 148 -19.58 14.79 1.86
N HIS C 149 -20.20 15.96 1.88
CA HIS C 149 -19.51 17.23 1.65
C HIS C 149 -19.28 17.91 2.99
N LEU C 150 -18.02 18.25 3.26
CA LEU C 150 -17.63 18.86 4.51
C LEU C 150 -17.31 20.33 4.29
N GLU C 151 -17.94 21.20 5.07
CA GLU C 151 -17.70 22.64 4.99
C GLU C 151 -16.63 23.00 6.00
N VAL C 152 -15.45 23.34 5.52
CA VAL C 152 -14.34 23.74 6.38
C VAL C 152 -14.48 25.22 6.70
N ARG C 153 -14.17 25.59 7.94
CA ARG C 153 -14.32 26.95 8.40
C ARG C 153 -12.97 27.67 8.43
N LEU C 154 -12.95 28.88 9.00
CA LEU C 154 -11.74 29.68 9.11
C LEU C 154 -11.62 30.21 10.54
N VAL C 155 -10.46 30.01 11.15
CA VAL C 155 -10.19 30.49 12.49
C VAL C 155 -8.95 31.37 12.47
N ALA C 156 -8.54 31.89 13.63
CA ALA C 156 -7.43 32.80 13.69
C ALA C 156 -6.22 32.24 14.44
N SER C 157 -6.39 31.86 15.72
CA SER C 157 -5.26 31.47 16.58
C SER C 157 -4.14 32.52 16.59
N GLY C 158 -4.47 33.75 16.21
CA GLY C 158 -3.48 34.78 15.95
C GLY C 158 -3.73 35.46 14.62
N THR C 159 -2.68 35.75 13.86
CA THR C 159 -2.81 36.29 12.52
C THR C 159 -2.86 35.12 11.52
N GLN C 160 -2.87 35.43 10.22
CA GLN C 160 -2.82 34.41 9.17
C GLN C 160 -3.92 33.37 9.31
N PRO C 161 -5.16 33.69 8.95
CA PRO C 161 -6.28 32.77 9.17
C PRO C 161 -6.04 31.37 8.61
N GLN C 162 -6.52 30.36 9.34
CA GLN C 162 -6.27 28.96 9.03
C GLN C 162 -7.58 28.23 8.78
N ALA C 163 -7.52 27.25 7.88
CA ALA C 163 -8.66 26.37 7.63
C ALA C 163 -8.75 25.33 8.74
N VAL C 164 -9.98 25.00 9.14
CA VAL C 164 -10.21 24.17 10.33
C VAL C 164 -11.53 23.42 10.16
N ILE C 165 -11.54 22.16 10.58
CA ILE C 165 -12.78 21.39 10.72
C ILE C 165 -13.28 21.58 12.14
N VAL C 166 -14.56 21.89 12.28
CA VAL C 166 -15.18 22.12 13.58
C VAL C 166 -15.90 20.86 14.03
N MET C 167 -15.63 20.44 15.26
CA MET C 167 -16.30 19.25 15.77
C MET C 167 -17.62 19.64 16.44
N PRO C 168 -18.58 18.72 16.51
CA PRO C 168 -19.82 19.02 17.24
C PRO C 168 -19.60 19.44 18.67
N ASN C 169 -18.56 18.91 19.33
CA ASN C 169 -18.24 19.33 20.68
C ASN C 169 -17.54 20.68 20.74
N GLY C 170 -17.19 21.26 19.60
CA GLY C 170 -16.54 22.54 19.53
C GLY C 170 -15.05 22.50 19.28
N THR C 171 -14.42 21.34 19.46
CA THR C 171 -12.97 21.24 19.32
C THR C 171 -12.55 21.42 17.86
N THR C 172 -11.38 22.03 17.66
CA THR C 172 -10.86 22.32 16.35
C THR C 172 -9.92 21.21 15.85
N ARG C 173 -9.79 21.12 14.54
CA ARG C 173 -8.79 20.26 13.91
C ARG C 173 -8.35 20.94 12.62
N ALA C 174 -7.10 21.37 12.57
CA ALA C 174 -6.58 22.04 11.39
C ALA C 174 -6.54 21.08 10.21
N VAL C 175 -6.78 21.62 9.01
CA VAL C 175 -6.78 20.83 7.78
C VAL C 175 -5.37 20.75 7.24
N SER C 176 -4.98 19.56 6.80
CA SER C 176 -3.67 19.38 6.20
C SER C 176 -3.57 20.20 4.91
N MET C 177 -2.51 20.99 4.80
CA MET C 177 -2.24 21.76 3.59
C MET C 177 -1.36 20.99 2.61
N VAL C 178 -1.00 19.74 2.92
CA VAL C 178 -0.06 18.96 2.14
C VAL C 178 -0.75 17.82 1.41
N ALA C 179 -1.39 16.91 2.15
CA ALA C 179 -2.02 15.76 1.52
C ALA C 179 -3.10 15.19 2.43
N GLU C 180 -4.36 15.35 2.05
CA GLU C 180 -5.47 14.48 2.44
C GLU C 180 -5.48 14.22 3.95
N THR C 181 -5.85 15.27 4.68
CA THR C 181 -6.13 15.20 6.11
C THR C 181 -6.80 13.88 6.50
N PHE C 182 -6.10 13.09 7.32
CA PHE C 182 -6.55 11.79 7.80
C PHE C 182 -6.33 11.69 9.30
N TRP C 183 -7.34 11.18 10.02
CA TRP C 183 -7.21 10.98 11.45
C TRP C 183 -8.19 9.89 11.91
N THR C 184 -7.91 9.36 13.09
CA THR C 184 -8.60 8.19 13.64
C THR C 184 -9.09 8.53 15.05
N ASP C 185 -10.37 8.23 15.32
CA ASP C 185 -10.97 8.52 16.62
C ASP C 185 -11.89 7.37 17.00
N GLY C 186 -11.44 6.53 17.93
CA GLY C 186 -12.23 5.41 18.41
C GLY C 186 -12.46 4.35 17.35
N GLU C 187 -13.72 4.06 17.02
CA GLU C 187 -14.05 3.18 15.91
C GLU C 187 -13.96 3.88 14.57
N PHE C 188 -13.81 5.21 14.55
CA PHE C 188 -14.05 6.02 13.36
C PHE C 188 -12.77 6.46 12.70
N SER C 189 -12.85 6.60 11.37
CA SER C 189 -11.82 7.25 10.57
C SER C 189 -12.50 8.24 9.65
N TYR C 190 -11.86 9.39 9.45
CA TYR C 190 -12.43 10.49 8.67
C TYR C 190 -11.39 10.91 7.63
N LEU C 191 -11.83 11.12 6.40
CA LEU C 191 -10.94 11.50 5.31
C LEU C 191 -11.46 12.74 4.62
N TYR C 192 -10.60 13.76 4.53
CA TYR C 192 -10.90 15.01 3.84
C TYR C 192 -9.93 15.16 2.68
N SER C 193 -10.45 15.05 1.45
CA SER C 193 -9.64 15.09 0.23
C SER C 193 -10.17 16.18 -0.70
N PRO C 194 -9.74 17.41 -0.52
CA PRO C 194 -10.20 18.51 -1.38
C PRO C 194 -9.47 18.49 -2.71
N LYS C 195 -10.00 19.26 -3.66
CA LYS C 195 -9.33 19.41 -4.95
C LYS C 195 -8.02 20.16 -4.79
N VAL C 196 -8.08 21.41 -4.34
CA VAL C 196 -6.89 22.20 -4.04
C VAL C 196 -6.83 22.44 -2.55
N PHE C 197 -5.62 22.78 -2.08
CA PHE C 197 -5.30 22.86 -0.67
C PHE C 197 -5.03 24.31 -0.30
N GLY C 198 -4.75 24.53 0.98
CA GLY C 198 -4.50 25.88 1.43
C GLY C 198 -5.76 26.73 1.34
N THR C 199 -5.57 28.03 1.16
CA THR C 199 -6.70 28.94 1.07
C THR C 199 -6.66 29.75 -0.21
N ARG C 200 -7.81 30.36 -0.53
CA ARG C 200 -7.97 31.20 -1.70
C ARG C 200 -8.24 32.64 -1.27
N ALA C 201 -7.63 33.58 -1.99
CA ALA C 201 -7.72 35.00 -1.66
C ALA C 201 -8.07 35.80 -2.90
N GLU C 202 -9.12 36.62 -2.81
CA GLU C 202 -9.54 37.48 -3.90
C GLU C 202 -9.75 38.90 -3.38
N THR C 203 -9.45 39.88 -4.21
CA THR C 203 -9.57 41.29 -3.88
C THR C 203 -10.82 41.84 -4.56
N LYS C 204 -11.62 42.59 -3.81
CA LYS C 204 -12.81 43.25 -4.37
C LYS C 204 -13.33 44.27 -3.37
N PHE C 205 -14.48 44.86 -3.68
CA PHE C 205 -15.06 45.96 -2.90
C PHE C 205 -16.38 45.53 -2.30
N ILE C 206 -16.51 45.67 -0.97
CA ILE C 206 -17.74 45.28 -0.30
C ILE C 206 -18.56 46.53 0.03
N PRO C 207 -19.87 46.51 -0.21
CA PRO C 207 -20.71 47.66 0.15
C PRO C 207 -20.92 47.74 1.65
N CYS C 208 -20.76 48.93 2.21
CA CYS C 208 -20.86 49.09 3.66
C CYS C 208 -21.46 50.43 4.00
N PHE C 209 -21.93 50.53 5.24
CA PHE C 209 -22.50 51.75 5.79
C PHE C 209 -21.66 52.20 6.98
N LYS C 210 -21.04 53.37 6.86
CA LYS C 210 -20.19 53.92 7.91
C LYS C 210 -21.06 54.71 8.87
N GLU C 211 -21.18 54.22 10.10
CA GLU C 211 -21.99 54.91 11.11
C GLU C 211 -21.12 55.56 12.18
N GLU C 232 -16.96 54.99 12.81
CA GLU C 232 -16.89 54.35 14.12
C GLU C 232 -17.44 52.93 14.06
N LYS C 233 -18.55 52.76 13.33
CA LYS C 233 -19.18 51.45 13.15
C LYS C 233 -19.55 51.28 11.69
N PHE C 234 -19.00 50.26 11.04
CA PHE C 234 -19.26 49.96 9.65
C PHE C 234 -20.17 48.74 9.56
N HIS C 235 -21.30 48.87 8.89
CA HIS C 235 -22.21 47.77 8.64
C HIS C 235 -22.05 47.33 7.19
N CYS C 236 -21.58 46.10 7.00
CA CYS C 236 -21.06 45.65 5.72
C CYS C 236 -21.87 44.48 5.17
N LYS C 237 -21.83 44.35 3.84
CA LYS C 237 -22.54 43.30 3.14
C LYS C 237 -21.63 42.64 2.11
N ASP C 238 -21.84 41.35 1.90
CA ASP C 238 -21.13 40.62 0.85
C ASP C 238 -21.97 39.40 0.51
N GLY C 239 -22.63 39.42 -0.66
CA GLY C 239 -23.48 38.34 -1.06
C GLY C 239 -24.59 38.08 -0.07
N ASP C 240 -24.53 36.95 0.61
CA ASP C 240 -25.48 36.60 1.65
C ASP C 240 -24.92 36.80 3.05
N ASN C 241 -23.71 37.34 3.17
CA ASN C 241 -23.05 37.54 4.45
C ASN C 241 -23.22 38.97 4.89
N PHE C 242 -23.63 39.17 6.14
CA PHE C 242 -23.84 40.48 6.72
C PHE C 242 -23.12 40.55 8.05
N PHE C 243 -22.26 41.56 8.21
CA PHE C 243 -21.39 41.61 9.37
C PHE C 243 -21.03 43.05 9.68
N GLU C 244 -20.50 43.26 10.88
CA GLU C 244 -20.07 44.56 11.35
C GLU C 244 -18.54 44.61 11.28
N PHE C 245 -18.03 45.42 10.36
CA PHE C 245 -16.58 45.48 10.15
C PHE C 245 -15.89 46.03 11.39
N PRO C 246 -14.80 45.41 11.85
CA PRO C 246 -14.19 45.83 13.12
C PRO C 246 -13.31 47.07 12.98
N SER C 247 -12.63 47.43 14.07
CA SER C 247 -11.85 48.67 14.10
C SER C 247 -10.65 48.59 13.16
N SER C 248 -9.78 47.60 13.37
CA SER C 248 -8.52 47.50 12.64
C SER C 248 -8.68 46.93 11.24
N GLY C 249 -9.90 46.70 10.78
CA GLY C 249 -10.13 46.23 9.42
C GLY C 249 -9.68 44.81 9.17
N PHE C 250 -10.02 43.89 10.07
CA PHE C 250 -9.68 42.48 9.89
C PHE C 250 -10.68 41.66 10.70
N ILE C 251 -11.53 40.91 10.00
CA ILE C 251 -12.57 40.12 10.62
C ILE C 251 -12.65 38.77 9.92
N CYS C 252 -12.84 37.71 10.71
CA CYS C 252 -12.97 36.36 10.19
C CYS C 252 -14.33 35.79 10.56
N LEU C 253 -15.06 35.33 9.57
CA LEU C 253 -16.33 34.64 9.72
C LEU C 253 -16.15 33.15 9.48
N PRO C 254 -17.19 32.34 9.74
CA PRO C 254 -17.07 30.90 9.46
C PRO C 254 -16.63 30.57 8.03
N ASP C 255 -17.26 31.16 7.03
CA ASP C 255 -17.01 30.79 5.64
C ASP C 255 -15.97 31.68 4.95
N ALA C 256 -15.58 32.80 5.54
CA ALA C 256 -14.64 33.69 4.88
C ALA C 256 -14.02 34.64 5.89
N CYS C 257 -12.90 35.23 5.50
CA CYS C 257 -12.23 36.29 6.22
C CYS C 257 -12.08 37.50 5.31
N TYR C 258 -12.07 38.69 5.90
CA TYR C 258 -11.92 39.93 5.14
C TYR C 258 -10.86 40.79 5.83
N LYS C 259 -9.81 41.11 5.09
CA LYS C 259 -8.72 41.95 5.58
C LYS C 259 -8.66 43.20 4.72
N ASN C 260 -8.83 44.36 5.36
CA ASN C 260 -8.78 45.63 4.65
C ASN C 260 -7.34 46.00 4.34
N GLU C 261 -7.03 46.16 3.05
CA GLU C 261 -5.78 46.80 2.68
C GLU C 261 -5.71 48.17 3.35
N LYS C 262 -4.50 48.73 3.42
CA LYS C 262 -4.26 49.78 4.41
C LYS C 262 -4.51 49.16 5.78
N GLN C 263 -3.51 48.41 6.29
CA GLN C 263 -3.60 47.20 7.10
C GLN C 263 -3.69 45.96 6.23
N LYS C 264 -3.03 45.99 5.07
CA LYS C 264 -2.67 44.77 4.36
C LYS C 264 -1.29 44.27 4.78
N ASN C 265 -0.32 45.16 4.94
CA ASN C 265 1.03 44.82 5.35
C ASN C 265 1.21 44.79 6.87
N ASN C 266 0.17 45.10 7.63
CA ASN C 266 0.18 45.03 9.08
C ASN C 266 -0.37 43.68 9.55
N LEU C 267 0.23 43.17 10.63
CA LEU C 267 -0.16 41.90 11.23
C LEU C 267 -1.04 42.17 12.45
N LEU C 268 -2.33 41.87 12.30
CA LEU C 268 -3.33 42.08 13.35
C LEU C 268 -4.07 40.78 13.63
N HIS C 269 -4.53 40.63 14.87
CA HIS C 269 -5.38 39.53 15.27
C HIS C 269 -6.81 39.85 14.84
N PRO C 270 -7.35 39.17 13.83
CA PRO C 270 -8.66 39.55 13.29
C PRO C 270 -9.77 39.37 14.31
N GLY C 271 -10.95 39.83 13.92
CA GLY C 271 -12.14 39.60 14.73
C GLY C 271 -12.59 38.16 14.57
N MET C 272 -12.80 37.48 15.69
CA MET C 272 -13.09 36.06 15.70
C MET C 272 -14.57 35.83 15.98
N TRP C 273 -15.24 35.11 15.08
CA TRP C 273 -16.60 34.68 15.34
C TRP C 273 -16.61 33.64 16.44
N ASN C 274 -17.72 33.60 17.18
CA ASN C 274 -17.85 32.67 18.29
C ASN C 274 -18.27 31.29 17.78
N ILE C 275 -17.49 30.27 18.17
CA ILE C 275 -17.73 28.91 17.67
C ILE C 275 -19.12 28.42 18.08
N SER C 276 -19.50 28.65 19.33
CA SER C 276 -20.76 28.14 19.85
C SER C 276 -21.96 28.64 19.05
N GLU C 277 -21.79 29.75 18.32
CA GLU C 277 -22.91 30.28 17.55
C GLU C 277 -23.36 29.30 16.47
N LYS C 278 -22.43 28.55 15.90
CA LYS C 278 -22.74 27.58 14.85
C LYS C 278 -23.00 26.18 15.38
N LEU C 279 -22.82 25.94 16.68
CA LEU C 279 -23.14 24.66 17.30
C LEU C 279 -24.51 24.66 17.95
N HIS C 280 -24.85 25.71 18.69
CA HIS C 280 -26.13 25.81 19.37
C HIS C 280 -27.15 26.47 18.47
N ALA C 281 -28.35 25.91 18.43
CA ALA C 281 -29.42 26.49 17.64
C ALA C 281 -30.02 27.68 18.36
N ALA C 282 -30.83 28.44 17.63
CA ALA C 282 -31.56 29.58 18.17
C ALA C 282 -32.97 29.16 18.54
N SER C 283 -33.44 29.69 19.67
CA SER C 283 -34.76 29.30 20.15
C SER C 283 -35.85 29.94 19.30
N VAL C 284 -37.06 29.39 19.43
CA VAL C 284 -38.21 29.97 18.74
C VAL C 284 -38.54 31.33 19.36
N TYR C 285 -38.17 31.55 20.62
CA TYR C 285 -38.38 32.86 21.23
C TYR C 285 -37.44 33.90 20.63
N ASP C 286 -36.20 33.51 20.34
CA ASP C 286 -35.26 34.43 19.73
C ASP C 286 -35.78 34.93 18.38
N VAL C 287 -36.32 34.03 17.56
CA VAL C 287 -36.83 34.41 16.24
C VAL C 287 -38.06 35.29 16.38
N ASN C 288 -38.92 35.00 17.36
CA ASN C 288 -40.07 35.87 17.59
C ASN C 288 -39.63 37.27 18.03
N ASN C 289 -38.55 37.35 18.83
CA ASN C 289 -38.04 38.64 19.24
C ASN C 289 -37.54 39.45 18.06
N VAL C 290 -36.90 38.79 17.10
CA VAL C 290 -36.51 39.46 15.85
C VAL C 290 -37.74 39.95 15.11
N ILE C 291 -38.78 39.12 15.04
CA ILE C 291 -40.02 39.52 14.39
C ILE C 291 -40.63 40.72 15.09
N HIS C 292 -40.62 40.71 16.42
CA HIS C 292 -41.10 41.88 17.16
C HIS C 292 -40.26 43.11 16.85
N SER C 293 -38.94 42.93 16.74
CA SER C 293 -38.08 44.05 16.41
C SER C 293 -38.30 44.54 14.98
N LEU C 294 -38.64 43.63 14.07
CA LEU C 294 -38.93 44.05 12.70
C LEU C 294 -40.23 44.85 12.64
N VAL C 295 -41.22 44.48 13.45
CA VAL C 295 -42.45 45.25 13.50
C VAL C 295 -42.19 46.65 14.06
N TYR C 296 -41.39 46.73 15.13
CA TYR C 296 -41.10 48.02 15.76
C TYR C 296 -40.50 48.99 14.76
N GLU C 297 -39.53 48.53 13.97
CA GLU C 297 -38.94 49.39 12.95
C GLU C 297 -39.92 49.65 11.80
N THR C 298 -40.81 48.69 11.51
CA THR C 298 -41.79 48.90 10.45
C THR C 298 -42.73 50.04 10.80
N GLU C 299 -43.23 50.07 12.03
CA GLU C 299 -44.10 51.16 12.45
C GLU C 299 -43.35 52.48 12.51
N SER C 300 -42.08 52.43 12.95
CA SER C 300 -41.27 53.64 12.95
C SER C 300 -41.02 54.13 11.53
N LEU C 301 -40.84 53.19 10.60
CA LEU C 301 -40.76 53.55 9.20
C LEU C 301 -42.04 54.24 8.74
N ARG C 302 -43.19 53.75 9.20
CA ARG C 302 -44.48 54.31 8.79
C ARG C 302 -44.71 55.69 9.38
N LEU C 303 -44.24 55.95 10.61
CA LEU C 303 -44.32 57.30 11.15
C LEU C 303 -43.52 58.28 10.31
N SER C 304 -42.41 57.83 9.73
CA SER C 304 -41.59 58.69 8.90
C SER C 304 -42.19 58.89 7.52
N LEU C 305 -42.81 57.85 6.97
CA LEU C 305 -43.53 58.02 5.69
C LEU C 305 -44.75 58.90 5.88
N ALA C 306 -45.46 58.74 6.99
CA ALA C 306 -46.61 59.60 7.25
C ALA C 306 -46.20 61.05 7.44
N GLN C 307 -44.98 61.28 7.95
CA GLN C 307 -44.50 62.65 8.12
C GLN C 307 -44.24 63.31 6.78
N LEU C 308 -43.51 62.63 5.89
CA LEU C 308 -43.26 63.20 4.57
C LEU C 308 -44.54 63.32 3.76
N ASP C 309 -45.48 62.39 3.93
CA ASP C 309 -46.80 62.57 3.33
C ASP C 309 -47.49 63.82 3.87
N HIS C 310 -47.19 64.19 5.11
CA HIS C 310 -47.72 65.43 5.66
C HIS C 310 -47.00 66.64 5.07
N ARG C 311 -45.70 66.51 4.77
CA ARG C 311 -44.98 67.62 4.17
C ARG C 311 -45.47 67.89 2.75
N PHE C 312 -45.69 66.84 1.96
CA PHE C 312 -46.15 67.04 0.59
C PHE C 312 -47.53 67.69 0.55
N SER C 313 -48.37 67.39 1.55
CA SER C 313 -49.69 68.03 1.62
C SER C 313 -49.57 69.51 1.95
N VAL C 314 -48.66 69.86 2.86
CA VAL C 314 -48.45 71.26 3.21
C VAL C 314 -47.96 72.04 1.99
N LEU C 315 -46.97 71.49 1.29
CA LEU C 315 -46.51 72.11 0.04
C LEU C 315 -47.62 72.16 -0.99
N THR C 316 -48.50 71.16 -1.02
CA THR C 316 -49.58 71.14 -2.00
C THR C 316 -50.49 72.35 -1.86
N LYS C 317 -50.93 72.63 -0.63
CA LYS C 317 -51.78 73.79 -0.40
C LYS C 317 -50.99 75.09 -0.53
N LEU C 318 -49.69 75.05 -0.21
CA LEU C 318 -48.84 76.22 -0.41
C LEU C 318 -48.77 76.60 -1.88
N MET C 319 -48.38 75.65 -2.74
CA MET C 319 -48.21 75.96 -4.16
C MET C 319 -49.54 76.24 -4.84
N ASN C 320 -50.64 75.66 -4.35
CA ASN C 320 -51.94 75.94 -4.94
C ASN C 320 -52.27 77.42 -4.86
N LYS C 321 -52.18 77.99 -3.65
CA LYS C 321 -52.46 79.42 -3.48
C LYS C 321 -51.40 80.27 -4.17
N MET C 322 -50.16 79.79 -4.23
CA MET C 322 -49.11 80.54 -4.91
C MET C 322 -49.39 80.67 -6.39
N VAL C 323 -49.89 79.60 -7.01
CA VAL C 323 -50.27 79.69 -8.41
C VAL C 323 -51.53 80.54 -8.57
N SER C 324 -52.44 80.46 -7.61
CA SER C 324 -53.67 81.23 -7.69
C SER C 324 -53.40 82.74 -7.67
N SER C 325 -52.34 83.16 -7.00
CA SER C 325 -51.97 84.58 -7.01
C SER C 325 -51.21 84.94 -8.28
N LEU C 326 -50.28 84.10 -8.70
CA LEU C 326 -49.49 84.40 -9.89
C LEU C 326 -50.31 84.27 -11.16
N ALA C 327 -51.20 83.29 -11.22
CA ALA C 327 -51.99 83.07 -12.44
C ALA C 327 -52.89 84.26 -12.76
N LYS C 328 -53.22 85.07 -11.77
CA LYS C 328 -53.93 86.31 -12.06
C LYS C 328 -53.09 87.25 -12.92
N ILE C 329 -51.77 87.19 -12.77
CA ILE C 329 -50.89 88.07 -13.52
C ILE C 329 -50.46 87.44 -14.85
N ASP C 330 -50.21 86.14 -14.86
CA ASP C 330 -49.88 85.39 -16.07
C ASP C 330 -51.07 84.50 -16.39
N ASP C 331 -51.85 84.89 -17.40
CA ASP C 331 -53.09 84.19 -17.72
C ASP C 331 -52.85 82.77 -18.20
N ARG C 332 -51.67 82.47 -18.73
CA ARG C 332 -51.40 81.18 -19.35
C ARG C 332 -50.51 80.29 -18.50
N LEU C 333 -50.23 80.66 -17.25
CA LEU C 333 -49.41 79.80 -16.40
C LEU C 333 -50.11 78.48 -16.13
N ILE C 334 -51.36 78.54 -15.66
CA ILE C 334 -52.12 77.32 -15.39
C ILE C 334 -52.13 76.41 -16.61
N GLY C 335 -52.16 76.99 -17.80
CA GLY C 335 -52.06 76.18 -19.01
C GLY C 335 -50.75 75.45 -19.13
N ALA C 336 -49.64 76.11 -18.76
CA ALA C 336 -48.34 75.45 -18.80
C ALA C 336 -48.22 74.40 -17.71
N LEU C 337 -48.82 74.65 -16.54
CA LEU C 337 -48.80 73.64 -15.49
C LEU C 337 -49.55 72.39 -15.90
N LEU C 338 -50.69 72.56 -16.56
CA LEU C 338 -51.50 71.44 -17.04
C LEU C 338 -51.06 70.94 -18.40
N GLU C 339 -50.07 71.57 -19.03
CA GLU C 339 -49.59 71.20 -20.36
C GLU C 339 -50.74 71.23 -21.37
N LYS C 340 -51.63 72.22 -21.23
CA LYS C 340 -52.75 72.40 -22.13
C LYS C 340 -52.82 73.88 -22.49
N PRO C 341 -52.88 74.23 -23.77
CA PRO C 341 -53.01 75.66 -24.13
C PRO C 341 -54.35 76.23 -23.70
N MET C 342 -54.30 77.11 -22.70
CA MET C 342 -55.51 77.71 -22.13
C MET C 342 -55.12 79.02 -21.46
N ALA C 343 -56.14 79.82 -21.17
CA ALA C 343 -55.96 81.09 -20.45
C ALA C 343 -56.95 81.16 -19.30
N SER C 344 -56.48 81.69 -18.18
CA SER C 344 -57.25 81.76 -16.95
C SER C 344 -57.76 83.17 -16.71
N LYS C 345 -58.95 83.27 -16.13
CA LYS C 345 -59.49 84.53 -15.63
C LYS C 345 -60.28 84.24 -14.37
N PHE C 346 -59.90 84.89 -13.27
CA PHE C 346 -60.51 84.64 -11.97
C PHE C 346 -61.76 85.50 -11.79
N ILE C 347 -62.88 84.84 -11.48
CA ILE C 347 -64.07 85.54 -11.01
C ILE C 347 -64.05 85.73 -9.51
N SER C 348 -62.99 85.29 -8.84
CA SER C 348 -62.83 85.38 -7.41
C SER C 348 -61.37 85.13 -7.09
N PRO C 349 -60.85 85.68 -6.00
CA PRO C 349 -59.51 85.28 -5.55
C PRO C 349 -59.41 83.78 -5.36
N THR C 350 -60.54 83.10 -5.24
CA THR C 350 -60.65 81.66 -5.02
C THR C 350 -60.96 80.87 -6.28
N LYS C 351 -61.78 81.43 -7.16
CA LYS C 351 -62.33 80.70 -8.31
C LYS C 351 -61.96 81.40 -9.60
N PHE C 352 -61.66 80.62 -10.63
CA PHE C 352 -61.28 81.16 -11.92
C PHE C 352 -62.01 80.38 -13.01
N MET C 353 -61.99 80.95 -14.22
CA MET C 353 -62.55 80.32 -15.39
C MET C 353 -61.48 80.25 -16.47
N VAL C 354 -61.67 79.33 -17.41
CA VAL C 354 -60.64 79.05 -18.41
C VAL C 354 -61.25 79.11 -19.81
N SER C 355 -60.48 79.63 -20.76
CA SER C 355 -60.79 79.75 -22.16
C SER C 355 -59.73 79.04 -22.99
N PRO C 356 -60.07 78.57 -24.18
CA PRO C 356 -59.09 77.82 -24.98
C PRO C 356 -58.12 78.75 -25.69
N CYS C 357 -56.88 78.27 -25.81
CA CYS C 357 -55.81 78.91 -26.59
C CYS C 357 -55.10 77.87 -27.43
N SER C 393 -29.15 73.61 -26.14
CA SER C 393 -28.36 74.63 -25.47
C SER C 393 -28.07 74.25 -24.02
N GLN C 394 -27.84 75.26 -23.19
CA GLN C 394 -27.47 74.99 -21.81
C GLN C 394 -28.71 74.78 -20.94
N THR C 395 -28.45 74.36 -19.70
CA THR C 395 -29.48 74.07 -18.72
C THR C 395 -29.20 74.86 -17.46
N ILE C 396 -30.22 74.98 -16.61
CA ILE C 396 -30.05 75.52 -15.26
C ILE C 396 -30.86 74.65 -14.31
N ASP C 397 -30.21 74.17 -13.26
CA ASP C 397 -30.82 73.27 -12.29
C ASP C 397 -30.97 74.02 -10.97
N LEU C 398 -32.20 74.45 -10.68
CA LEU C 398 -32.46 75.12 -9.40
C LEU C 398 -32.43 74.16 -8.23
N PHE C 399 -32.52 72.86 -8.49
CA PHE C 399 -32.64 71.85 -7.45
C PHE C 399 -31.40 70.98 -7.31
N ASN C 400 -30.79 70.58 -8.43
CA ASN C 400 -29.63 69.70 -8.44
C ASN C 400 -29.93 68.39 -7.72
N PHE C 401 -31.15 67.89 -7.90
CA PHE C 401 -31.54 66.62 -7.31
C PHE C 401 -30.90 65.47 -8.08
N LYS C 402 -30.43 64.47 -7.33
CA LYS C 402 -29.80 63.28 -7.89
C LYS C 402 -30.70 62.08 -7.66
N THR C 403 -30.33 60.96 -8.29
CA THR C 403 -31.13 59.75 -8.19
C THR C 403 -31.29 59.34 -6.73
N LEU C 404 -32.55 59.11 -6.34
CA LEU C 404 -32.83 58.68 -4.98
C LEU C 404 -32.25 57.30 -4.73
N TRP C 405 -31.52 57.16 -3.62
CA TRP C 405 -30.96 55.87 -3.24
C TRP C 405 -32.05 54.99 -2.64
N LEU C 406 -32.26 53.82 -3.23
CA LEU C 406 -33.26 52.90 -2.75
C LEU C 406 -32.61 51.69 -2.09
N PRO C 407 -33.18 51.18 -0.99
CA PRO C 407 -32.62 49.98 -0.35
C PRO C 407 -32.81 48.76 -1.22
N GLN C 408 -31.69 48.15 -1.62
CA GLN C 408 -31.78 46.98 -2.48
C GLN C 408 -32.15 45.74 -1.67
N LEU C 409 -32.63 44.72 -2.39
CA LEU C 409 -33.08 43.50 -1.75
C LEU C 409 -31.93 42.81 -1.01
N VAL C 410 -32.30 41.99 -0.03
CA VAL C 410 -31.34 41.45 0.93
C VAL C 410 -31.84 40.08 1.40
N ALA C 411 -30.94 39.10 1.43
CA ALA C 411 -31.28 37.76 1.89
C ALA C 411 -30.07 37.19 2.61
N ALA C 412 -30.21 36.96 3.92
CA ALA C 412 -29.11 36.45 4.73
C ALA C 412 -28.97 34.94 4.57
N LYS C 413 -27.75 34.45 4.79
CA LYS C 413 -27.43 33.04 4.60
C LYS C 413 -27.83 32.23 5.82
N VAL C 414 -28.54 31.13 5.59
CA VAL C 414 -28.95 30.24 6.68
C VAL C 414 -28.48 28.84 6.33
N GLU C 415 -27.72 28.23 7.24
CA GLU C 415 -27.09 26.93 6.99
C GLU C 415 -27.37 25.88 8.06
N GLY C 416 -27.80 26.26 9.26
CA GLY C 416 -28.02 25.29 10.32
C GLY C 416 -26.83 25.15 11.24
N VAL C 417 -26.92 24.16 12.14
CA VAL C 417 -25.88 23.92 13.13
C VAL C 417 -25.00 22.77 12.65
N VAL C 418 -23.83 22.64 13.29
CA VAL C 418 -22.85 21.65 12.89
C VAL C 418 -23.39 20.24 13.12
N SER C 419 -24.09 20.03 14.23
CA SER C 419 -24.58 18.69 14.55
C SER C 419 -25.48 18.15 13.45
N ASP C 420 -26.18 19.03 12.72
CA ASP C 420 -27.10 18.61 11.67
C ASP C 420 -26.40 18.23 10.38
N GLU C 421 -25.10 18.49 10.26
CA GLU C 421 -24.37 18.12 9.06
C GLU C 421 -24.44 16.61 8.83
N ASP C 422 -24.38 16.22 7.56
CA ASP C 422 -24.61 14.81 7.22
C ASP C 422 -23.52 13.90 7.76
N GLY C 423 -22.27 14.38 7.76
CA GLY C 423 -21.19 13.55 8.31
C GLY C 423 -21.34 13.30 9.79
N TRP C 424 -21.66 14.36 10.55
CA TRP C 424 -21.83 14.17 11.98
C TRP C 424 -23.16 13.49 12.30
N THR C 425 -24.19 13.72 11.47
CA THR C 425 -25.44 12.99 11.64
C THR C 425 -25.20 11.49 11.46
N PHE C 426 -24.33 11.13 10.52
CA PHE C 426 -23.95 9.74 10.34
C PHE C 426 -23.35 9.17 11.62
N VAL C 427 -22.45 9.92 12.26
CA VAL C 427 -21.71 9.41 13.40
C VAL C 427 -22.61 9.22 14.61
N ALA C 428 -23.54 10.15 14.83
CA ALA C 428 -24.42 10.07 15.99
C ALA C 428 -25.37 8.89 15.89
N ASN C 429 -25.90 8.63 14.69
CA ASN C 429 -26.82 7.51 14.53
C ASN C 429 -26.11 6.17 14.61
N SER C 430 -24.87 6.10 14.14
CA SER C 430 -24.08 4.89 14.33
C SER C 430 -23.78 4.66 15.81
N LYS C 431 -23.37 5.71 16.52
CA LYS C 431 -23.25 5.62 17.97
C LYS C 431 -24.57 5.27 18.62
N GLN C 432 -25.68 5.80 18.09
CA GLN C 432 -26.99 5.46 18.62
C GLN C 432 -27.39 4.04 18.26
N ALA C 433 -26.96 3.56 17.10
CA ALA C 433 -27.21 2.16 16.77
C ALA C 433 -26.43 1.23 17.68
N LEU C 434 -25.15 1.55 17.93
CA LEU C 434 -24.35 0.74 18.84
C LEU C 434 -24.94 0.71 20.23
N LEU C 435 -25.53 1.83 20.66
CA LEU C 435 -26.16 1.86 21.97
C LEU C 435 -27.44 1.03 21.99
N ASP C 436 -28.12 0.92 20.84
CA ASP C 436 -29.35 0.15 20.78
C ASP C 436 -29.07 -1.34 20.81
N THR C 437 -28.00 -1.78 20.14
CA THR C 437 -27.73 -3.21 20.01
C THR C 437 -27.03 -3.80 21.22
N MET C 438 -26.51 -2.98 22.13
CA MET C 438 -25.83 -3.46 23.34
C MET C 438 -26.72 -3.39 24.56
N THR C 439 -28.03 -3.66 24.40
CA THR C 439 -28.96 -3.55 25.51
C THR C 439 -29.06 -4.82 26.33
N TYR C 440 -28.89 -5.98 25.72
CA TYR C 440 -28.89 -7.24 26.45
C TYR C 440 -28.24 -8.30 25.58
N THR C 441 -27.65 -9.29 26.24
CA THR C 441 -26.96 -10.36 25.54
C THR C 441 -27.93 -11.43 25.07
N LYS C 442 -27.72 -11.91 23.85
CA LYS C 442 -28.44 -13.05 23.31
C LYS C 442 -27.61 -14.31 23.48
N ASN C 443 -28.28 -15.46 23.58
CA ASN C 443 -27.61 -16.74 23.75
C ASN C 443 -27.39 -17.38 22.39
N GLY C 444 -26.13 -17.59 22.03
CA GLY C 444 -25.80 -18.15 20.73
C GLY C 444 -25.85 -19.67 20.69
N GLY C 445 -26.50 -20.27 21.67
CA GLY C 445 -26.64 -21.72 21.71
C GLY C 445 -27.54 -22.28 20.63
#